data_5GWT
#
_entry.id   5GWT
#
_cell.length_a   231.846
_cell.length_b   231.846
_cell.length_c   78.957
_cell.angle_alpha   90.00
_cell.angle_beta   90.00
_cell.angle_gamma   120.00
#
_symmetry.space_group_name_H-M   'H 3'
#
loop_
_entity.id
_entity.type
_entity.pdbx_description
1 polymer '4-hydroxyisolecuine dehydrogenase'
2 non-polymer NICOTINAMIDE-ADENINE-DINUCLEOTIDE
3 non-polymer 'SUCCINIC ACID'
4 water water
#
_entity_poly.entity_id   1
_entity_poly.type   'polypeptide(L)'
_entity_poly.pdbx_seq_one_letter_code
;KIIMISGANSGIGHACIKYFLEKSFHVIALDINNNNLIDYMKTDMPLKVVQIDLSNSEAIHNLFTQLDLEKLSPDILINA
AGIREITPVLHLSDDMFKKVIDVNLVAPFILSREVAKRWCESKIKGCIVNIASVSGLMAKPERAAYVASKHALIGLTKQM
AMEFGKQNIRVNSISPGVIRTELTEEYFSNKALMSMIKSNQSLDTWGLPQDIVSCIEYLISDQARFITGSNFVIDGGQTA
GKNLLEKGELNSKLEGKPIPNPLLGLDSTRTGHHHHHH
;
_entity_poly.pdbx_strand_id   A,B,C,D
#
loop_
_chem_comp.id
_chem_comp.type
_chem_comp.name
_chem_comp.formula
NAD non-polymer NICOTINAMIDE-ADENINE-DINUCLEOTIDE 'C21 H27 N7 O14 P2'
SIN non-polymer 'SUCCINIC ACID' 'C4 H6 O4'
#
# COMPACT_ATOMS: atom_id res chain seq x y z
N LYS A 1 18.19 29.67 9.50
CA LYS A 1 16.79 29.04 9.42
C LYS A 1 16.17 28.81 10.81
N ILE A 2 14.87 28.98 10.84
CA ILE A 2 14.13 28.71 12.01
C ILE A 2 13.37 27.39 11.83
N ILE A 3 13.51 26.51 12.79
CA ILE A 3 12.82 25.16 12.72
C ILE A 3 11.92 25.06 13.96
N MET A 4 10.68 24.69 13.78
CA MET A 4 9.77 24.48 14.89
C MET A 4 9.58 22.97 15.03
N ILE A 5 9.82 22.46 16.24
CA ILE A 5 9.83 21.06 16.52
C ILE A 5 8.92 20.82 17.71
N SER A 6 7.84 20.08 17.51
CA SER A 6 7.04 19.56 18.64
C SER A 6 7.59 18.32 19.22
N GLY A 7 7.14 18.01 20.46
CA GLY A 7 7.66 16.85 21.11
C GLY A 7 9.08 17.05 21.67
N ALA A 8 9.46 18.30 21.81
CA ALA A 8 10.80 18.72 22.15
C ALA A 8 11.34 18.31 23.47
N ASN A 9 10.49 17.96 24.43
CA ASN A 9 10.97 17.57 25.74
C ASN A 9 11.49 16.16 25.85
N SER A 10 11.30 15.32 24.79
CA SER A 10 11.63 13.90 24.97
C SER A 10 11.96 13.23 23.65
N GLY A 11 12.62 12.10 23.72
CA GLY A 11 12.72 11.19 22.56
C GLY A 11 13.21 11.79 21.26
N ILE A 12 12.44 11.60 20.19
CA ILE A 12 12.85 12.08 18.91
C ILE A 12 12.86 13.62 18.79
N GLY A 13 11.85 14.28 19.31
CA GLY A 13 11.77 15.73 19.20
C GLY A 13 12.93 16.36 20.00
N HIS A 14 13.26 15.79 21.15
CA HIS A 14 14.43 16.33 21.94
C HIS A 14 15.76 16.13 21.22
N ALA A 15 15.92 14.95 20.62
CA ALA A 15 17.11 14.71 19.81
C ALA A 15 17.19 15.72 18.67
N CYS A 16 16.07 16.03 18.03
CA CYS A 16 16.03 17.06 17.01
C CYS A 16 16.50 18.48 17.54
N ILE A 17 15.89 18.95 18.65
CA ILE A 17 16.24 20.28 19.35
C ILE A 17 17.74 20.34 19.51
N LYS A 18 18.32 19.26 20.04
CA LYS A 18 19.79 19.25 20.29
C LYS A 18 20.61 19.31 19.01
N TYR A 19 20.27 18.42 18.10
CA TYR A 19 20.91 18.42 16.76
C TYR A 19 20.85 19.72 16.01
N PHE A 20 19.66 20.29 15.86
CA PHE A 20 19.47 21.52 15.11
C PHE A 20 20.07 22.76 15.79
N LEU A 21 20.03 22.81 17.11
CA LEU A 21 20.74 23.83 17.86
C LEU A 21 22.25 23.76 17.56
N GLU A 22 22.82 22.57 17.59
CA GLU A 22 24.23 22.37 17.30
C GLU A 22 24.58 22.78 15.86
N LYS A 23 23.65 22.61 14.94
CA LYS A 23 23.82 23.12 13.55
C LYS A 23 23.46 24.58 13.30
N SER A 24 23.32 25.38 14.33
CA SER A 24 23.10 26.80 14.25
C SER A 24 21.77 27.22 13.79
N PHE A 25 20.77 26.37 13.91
CA PHE A 25 19.40 26.82 13.67
C PHE A 25 18.86 27.55 14.85
N HIS A 26 17.91 28.42 14.61
CA HIS A 26 17.02 28.98 15.60
C HIS A 26 15.84 27.95 15.75
N VAL A 27 15.58 27.53 16.97
CA VAL A 27 14.67 26.40 17.28
C VAL A 27 13.51 26.86 18.10
N ILE A 28 12.29 26.60 17.62
CA ILE A 28 11.12 26.79 18.47
C ILE A 28 10.66 25.39 18.90
N ALA A 29 10.68 25.15 20.21
CA ALA A 29 10.40 23.88 20.83
C ALA A 29 9.07 23.92 21.46
N LEU A 30 8.20 22.97 21.04
CA LEU A 30 6.85 22.88 21.57
C LEU A 30 6.66 21.57 22.37
N ASP A 31 6.18 21.66 23.60
CA ASP A 31 5.87 20.45 24.38
C ASP A 31 4.99 20.89 25.55
N ILE A 32 4.19 19.94 26.03
CA ILE A 32 3.35 20.11 27.23
C ILE A 32 4.22 20.02 28.49
N ASN A 33 5.32 19.29 28.47
CA ASN A 33 6.25 19.23 29.61
C ASN A 33 7.54 19.98 29.21
N ASN A 34 8.35 20.35 30.20
CA ASN A 34 9.60 21.11 29.95
C ASN A 34 10.74 20.79 30.87
N ASN A 35 10.62 19.79 31.71
CA ASN A 35 11.70 19.46 32.66
C ASN A 35 12.99 19.18 31.96
N ASN A 36 12.95 18.67 30.72
CA ASN A 36 14.18 18.43 30.01
C ASN A 36 14.68 19.55 29.18
N LEU A 37 13.97 20.66 29.21
CA LEU A 37 14.41 21.83 28.50
C LEU A 37 14.83 23.02 29.43
N ILE A 38 14.61 22.91 30.74
CA ILE A 38 14.87 24.00 31.72
C ILE A 38 16.33 24.39 31.65
N ASP A 39 17.25 23.45 31.63
CA ASP A 39 18.68 23.79 31.59
C ASP A 39 18.99 24.59 30.36
N TYR A 40 18.50 24.12 29.24
CA TYR A 40 18.74 24.82 28.01
C TYR A 40 18.08 26.17 27.99
N MET A 41 16.90 26.32 28.62
CA MET A 41 16.22 27.63 28.64
C MET A 41 17.06 28.74 29.36
N LYS A 42 17.82 28.32 30.36
CA LYS A 42 18.72 29.20 31.12
C LYS A 42 19.96 29.66 30.32
N THR A 43 20.31 29.04 29.18
CA THR A 43 21.49 29.37 28.38
C THR A 43 21.16 30.47 27.49
N ASP A 44 22.11 30.87 26.64
CA ASP A 44 21.80 31.81 25.57
C ASP A 44 21.60 31.22 24.17
N MET A 45 21.43 29.93 24.08
CA MET A 45 21.13 29.31 22.79
C MET A 45 19.91 29.94 22.17
N PRO A 46 19.83 29.98 20.84
CA PRO A 46 18.65 30.53 20.16
C PRO A 46 17.46 29.49 20.09
N LEU A 47 16.88 29.30 21.27
CA LEU A 47 15.88 28.35 21.56
C LEU A 47 14.74 29.10 22.16
N LYS A 48 13.55 29.01 21.58
CA LYS A 48 12.33 29.53 22.14
C LYS A 48 11.50 28.28 22.55
N VAL A 49 11.19 28.17 23.83
CA VAL A 49 10.38 27.08 24.32
C VAL A 49 8.99 27.55 24.65
N VAL A 50 7.97 26.93 24.09
CA VAL A 50 6.59 27.19 24.42
C VAL A 50 5.98 25.96 25.09
N GLN A 51 5.47 26.13 26.35
CA GLN A 51 4.75 25.09 27.07
C GLN A 51 3.29 25.10 26.59
N ILE A 52 2.88 24.04 25.90
CA ILE A 52 1.58 24.02 25.16
C ILE A 52 1.03 22.60 25.20
N ASP A 53 -0.27 22.49 25.48
CA ASP A 53 -1.00 21.27 25.31
C ASP A 53 -1.55 21.30 23.88
N LEU A 54 -0.91 20.56 23.02
CA LEU A 54 -1.27 20.54 21.61
C LEU A 54 -2.59 19.83 21.32
N SER A 55 -3.17 19.17 22.34
CA SER A 55 -4.56 18.67 22.19
C SER A 55 -5.58 19.78 22.23
N ASN A 56 -5.19 20.98 22.58
CA ASN A 56 -6.13 22.10 22.75
C ASN A 56 -5.95 23.06 21.57
N SER A 57 -6.90 23.08 20.68
CA SER A 57 -6.75 23.88 19.48
C SER A 57 -6.75 25.36 19.79
N GLU A 58 -7.42 25.76 20.90
CA GLU A 58 -7.35 27.18 21.32
C GLU A 58 -5.95 27.57 21.72
N ALA A 59 -5.26 26.63 22.34
CA ALA A 59 -3.91 26.87 22.74
C ALA A 59 -2.96 27.00 21.50
N ILE A 60 -3.22 26.23 20.46
CA ILE A 60 -2.43 26.36 19.26
C ILE A 60 -2.64 27.74 18.63
N HIS A 61 -3.87 28.19 18.60
CA HIS A 61 -4.14 29.54 18.13
C HIS A 61 -3.39 30.59 18.96
N ASN A 62 -3.40 30.50 20.26
CA ASN A 62 -2.56 31.34 21.10
C ASN A 62 -1.06 31.25 20.83
N LEU A 63 -0.56 30.05 20.56
CA LEU A 63 0.79 29.92 20.13
C LEU A 63 1.11 30.77 18.89
N PHE A 64 0.30 30.70 17.81
CA PHE A 64 0.55 31.48 16.63
C PHE A 64 0.38 32.98 16.85
N THR A 65 -0.47 33.38 17.76
CA THR A 65 -0.46 34.81 18.24
C THR A 65 0.87 35.20 18.82
N GLN A 66 1.36 34.42 19.74
CA GLN A 66 2.68 34.64 20.34
C GLN A 66 3.81 34.66 19.33
N LEU A 67 3.86 33.66 18.45
CA LEU A 67 4.91 33.62 17.48
C LEU A 67 4.86 34.87 16.56
N ASP A 68 3.65 35.22 16.10
CA ASP A 68 3.47 36.38 15.19
C ASP A 68 3.89 37.67 15.91
N LEU A 69 3.61 37.78 17.22
CA LEU A 69 3.99 38.98 17.96
C LEU A 69 5.48 39.00 18.19
N GLU A 70 6.12 37.85 18.22
CA GLU A 70 7.59 37.77 18.37
C GLU A 70 8.30 37.80 17.01
N LYS A 71 7.56 37.95 15.93
CA LYS A 71 8.09 37.97 14.55
C LYS A 71 8.90 36.66 14.24
N LEU A 72 8.36 35.55 14.71
CA LEU A 72 9.01 34.26 14.52
C LEU A 72 8.17 33.47 13.60
N SER A 73 8.68 33.16 12.43
CA SER A 73 7.91 32.40 11.45
C SER A 73 8.82 31.24 11.02
N PRO A 74 8.54 30.03 11.47
CA PRO A 74 9.51 28.98 11.09
C PRO A 74 9.52 28.67 9.60
N ASP A 75 10.68 28.30 9.13
CA ASP A 75 10.93 27.79 7.77
C ASP A 75 10.59 26.28 7.58
N ILE A 76 10.69 25.54 8.66
CA ILE A 76 10.58 24.10 8.71
C ILE A 76 9.74 23.76 9.99
N LEU A 77 8.82 22.77 9.82
CA LEU A 77 7.95 22.28 10.89
C LEU A 77 8.21 20.78 10.98
N ILE A 78 8.56 20.32 12.15
CA ILE A 78 8.69 18.90 12.46
C ILE A 78 7.60 18.50 13.50
N ASN A 79 6.55 17.83 13.01
CA ASN A 79 5.47 17.32 13.86
C ASN A 79 5.86 16.00 14.51
N ALA A 80 6.52 16.06 15.66
CA ALA A 80 6.96 14.85 16.37
C ALA A 80 6.21 14.54 17.70
N ALA A 81 5.47 15.52 18.26
CA ALA A 81 4.75 15.30 19.52
C ALA A 81 3.70 14.26 19.25
N GLY A 82 3.66 13.27 20.11
CA GLY A 82 2.69 12.24 19.92
C GLY A 82 2.49 11.41 21.21
N ILE A 83 1.38 10.66 21.21
CA ILE A 83 1.04 9.77 22.32
C ILE A 83 0.55 8.43 21.75
N ARG A 84 0.71 7.41 22.59
CA ARG A 84 0.33 6.04 22.27
C ARG A 84 -0.33 5.39 23.48
N GLU A 85 -1.56 4.94 23.31
CA GLU A 85 -2.20 4.09 24.30
C GLU A 85 -1.83 2.64 24.11
N ILE A 86 -1.80 1.90 25.24
CA ILE A 86 -1.73 0.45 25.18
C ILE A 86 -2.97 0.05 25.96
N THR A 87 -4.06 -0.15 25.30
CA THR A 87 -5.24 -0.56 26.05
C THR A 87 -6.18 -1.39 25.17
N PRO A 88 -6.73 -2.46 25.77
CA PRO A 88 -7.78 -3.26 25.08
C PRO A 88 -8.82 -2.31 24.59
N VAL A 89 -9.22 -2.53 23.34
CA VAL A 89 -10.10 -1.62 22.70
C VAL A 89 -11.43 -1.43 23.40
N LEU A 90 -11.97 -2.51 24.01
CA LEU A 90 -13.21 -2.35 24.77
C LEU A 90 -13.02 -1.42 26.00
N HIS A 91 -11.80 -1.23 26.48
CA HIS A 91 -11.56 -0.29 27.58
C HIS A 91 -11.11 1.08 27.11
N LEU A 92 -11.12 1.37 25.79
CA LEU A 92 -10.67 2.68 25.33
C LEU A 92 -11.81 3.58 25.29
N SER A 93 -11.80 4.62 26.11
CA SER A 93 -12.94 5.50 26.25
C SER A 93 -13.05 6.47 25.06
N ASP A 94 -14.23 7.05 24.89
CA ASP A 94 -14.44 8.04 23.85
C ASP A 94 -13.38 9.17 23.96
N ASP A 95 -13.20 9.66 25.18
CA ASP A 95 -12.30 10.80 25.40
C ASP A 95 -10.86 10.42 25.13
N MET A 96 -10.47 9.22 25.45
CA MET A 96 -9.09 8.84 25.17
C MET A 96 -8.80 8.62 23.66
N PHE A 97 -9.74 7.97 22.95
CA PHE A 97 -9.64 7.89 21.50
C PHE A 97 -9.48 9.32 20.93
N LYS A 98 -10.38 10.22 21.30
CA LYS A 98 -10.31 11.58 20.85
C LYS A 98 -9.01 12.28 21.18
N LYS A 99 -8.48 12.04 22.34
CA LYS A 99 -7.27 12.69 22.78
C LYS A 99 -6.08 12.27 21.83
N VAL A 100 -5.92 10.97 21.63
CA VAL A 100 -4.90 10.47 20.71
C VAL A 100 -5.05 11.09 19.33
N ILE A 101 -6.29 11.18 18.81
CA ILE A 101 -6.57 11.80 17.56
C ILE A 101 -6.16 13.28 17.56
N ASP A 102 -6.50 13.95 18.62
CA ASP A 102 -6.24 15.40 18.71
C ASP A 102 -4.76 15.72 18.79
N VAL A 103 -3.98 14.91 19.45
CA VAL A 103 -2.55 15.10 19.49
C VAL A 103 -1.85 14.64 18.22
N ASN A 104 -2.16 13.43 17.77
CA ASN A 104 -1.39 12.78 16.70
C ASN A 104 -1.79 13.22 15.28
N LEU A 105 -3.02 13.72 15.12
CA LEU A 105 -3.53 14.13 13.84
C LEU A 105 -3.96 15.59 13.80
N VAL A 106 -4.85 15.98 14.71
CA VAL A 106 -5.38 17.38 14.65
C VAL A 106 -4.29 18.40 14.84
N ALA A 107 -3.43 18.18 15.78
CA ALA A 107 -2.35 19.15 16.01
C ALA A 107 -1.42 19.31 14.79
N PRO A 108 -0.93 18.20 14.22
CA PRO A 108 -0.23 18.31 12.94
C PRO A 108 -0.98 19.04 11.86
N PHE A 109 -2.27 18.86 11.75
CA PHE A 109 -3.04 19.51 10.74
C PHE A 109 -2.98 21.00 11.03
N ILE A 110 -3.32 21.38 12.28
CA ILE A 110 -3.48 22.81 12.55
C ILE A 110 -2.13 23.51 12.45
N LEU A 111 -1.11 22.90 13.02
CA LEU A 111 0.23 23.51 12.94
C LEU A 111 0.67 23.66 11.47
N SER A 112 0.46 22.59 10.66
CA SER A 112 0.80 22.63 9.26
C SER A 112 0.02 23.71 8.46
N ARG A 113 -1.27 23.81 8.74
CA ARG A 113 -2.13 24.80 8.07
C ARG A 113 -1.59 26.25 8.38
N GLU A 114 -1.24 26.49 9.63
CA GLU A 114 -0.81 27.83 10.03
C GLU A 114 0.54 28.20 9.42
N VAL A 115 1.49 27.23 9.44
CA VAL A 115 2.78 27.53 8.84
C VAL A 115 2.64 27.69 7.36
N ALA A 116 1.83 26.86 6.71
CA ALA A 116 1.56 26.95 5.24
C ALA A 116 0.92 28.33 4.88
N LYS A 117 0.03 28.76 5.73
CA LYS A 117 -0.60 30.04 5.52
C LYS A 117 0.45 31.14 5.43
N ARG A 118 1.39 31.13 6.33
CA ARG A 118 2.36 32.24 6.42
C ARG A 118 3.36 32.10 5.27
N TRP A 119 3.70 30.84 4.90
CA TRP A 119 4.56 30.58 3.76
C TRP A 119 3.91 31.03 2.46
N CYS A 120 2.65 30.70 2.24
CA CYS A 120 1.97 31.17 1.02
C CYS A 120 1.91 32.69 0.96
N GLU A 121 1.64 33.32 2.08
CA GLU A 121 1.62 34.80 2.14
C GLU A 121 2.96 35.36 1.83
N SER A 122 4.01 34.84 2.43
CA SER A 122 5.33 35.42 2.21
C SER A 122 6.07 34.88 1.01
N LYS A 123 5.47 33.98 0.23
CA LYS A 123 6.18 33.21 -0.80
C LYS A 123 7.46 32.59 -0.44
N ILE A 124 7.47 31.82 0.60
CA ILE A 124 8.57 31.07 1.10
C ILE A 124 8.28 29.63 0.73
N LYS A 125 9.37 28.93 0.46
CA LYS A 125 9.43 27.50 0.20
C LYS A 125 9.54 26.62 1.45
N GLY A 126 8.45 26.50 2.18
CA GLY A 126 8.52 25.69 3.41
C GLY A 126 8.63 24.20 3.28
N CYS A 127 8.86 23.58 4.42
CA CYS A 127 9.11 22.15 4.47
C CYS A 127 8.43 21.62 5.80
N ILE A 128 7.62 20.54 5.69
CA ILE A 128 7.02 19.89 6.87
C ILE A 128 7.44 18.44 6.86
N VAL A 129 7.88 17.93 8.03
CA VAL A 129 8.07 16.51 8.19
C VAL A 129 7.14 16.05 9.30
N ASN A 130 6.24 15.11 8.96
CA ASN A 130 5.34 14.45 9.90
C ASN A 130 5.89 13.13 10.41
N ILE A 131 6.02 12.98 11.74
CA ILE A 131 6.42 11.73 12.32
C ILE A 131 5.18 10.82 12.46
N ALA A 132 5.00 9.94 11.50
CA ALA A 132 3.94 8.94 11.51
C ALA A 132 4.42 7.74 12.31
N SER A 133 4.45 6.55 11.68
CA SER A 133 4.76 5.24 12.31
C SER A 133 4.47 4.11 11.35
N VAL A 134 5.11 2.99 11.56
CA VAL A 134 4.71 1.76 10.90
C VAL A 134 3.26 1.41 11.21
N SER A 135 2.75 1.85 12.37
CA SER A 135 1.32 1.74 12.69
C SER A 135 0.43 2.60 11.82
N GLY A 136 1.05 3.44 10.98
CA GLY A 136 0.34 4.10 9.94
C GLY A 136 0.13 3.28 8.66
N LEU A 137 0.74 2.12 8.63
CA LEU A 137 0.71 1.21 7.46
C LEU A 137 0.13 -0.13 7.81
N MET A 138 0.11 -0.50 9.10
CA MET A 138 -0.42 -1.81 9.52
C MET A 138 -0.91 -1.71 10.95
N ALA A 139 -1.70 -2.68 11.38
CA ALA A 139 -2.25 -2.61 12.73
C ALA A 139 -1.42 -3.33 13.78
N LYS A 140 -1.72 -3.00 15.01
CA LYS A 140 -1.12 -3.64 16.16
C LYS A 140 -2.22 -3.75 17.26
N PRO A 141 -2.07 -4.72 18.16
CA PRO A 141 -3.13 -4.84 19.19
C PRO A 141 -3.16 -3.70 20.18
N GLU A 142 -4.31 -3.50 20.78
CA GLU A 142 -4.51 -2.60 21.87
C GLU A 142 -4.14 -1.11 21.52
N ARG A 143 -4.28 -0.75 20.22
CA ARG A 143 -3.86 0.53 19.70
C ARG A 143 -4.79 1.05 18.66
N ALA A 144 -6.10 0.89 18.88
CA ALA A 144 -7.09 1.41 17.92
C ALA A 144 -6.94 2.91 17.56
N ALA A 145 -6.77 3.76 18.57
CA ALA A 145 -6.67 5.19 18.33
C ALA A 145 -5.31 5.48 17.69
N TYR A 146 -4.32 4.83 18.21
CA TYR A 146 -2.96 5.04 17.71
C TYR A 146 -2.85 4.70 16.20
N VAL A 147 -3.27 3.50 15.88
CA VAL A 147 -3.22 3.05 14.48
C VAL A 147 -4.07 3.95 13.59
N ALA A 148 -5.28 4.29 14.03
CA ALA A 148 -6.10 5.15 13.27
C ALA A 148 -5.41 6.51 13.06
N SER A 149 -4.85 7.07 14.12
CA SER A 149 -4.20 8.38 14.03
C SER A 149 -3.01 8.42 13.07
N LYS A 150 -2.25 7.35 13.06
CA LYS A 150 -1.07 7.29 12.26
C LYS A 150 -1.41 7.01 10.80
N HIS A 151 -2.46 6.26 10.53
CA HIS A 151 -2.95 6.07 9.14
C HIS A 151 -3.42 7.42 8.62
N ALA A 152 -4.06 8.16 9.49
CA ALA A 152 -4.60 9.42 9.18
C ALA A 152 -3.52 10.41 8.79
N LEU A 153 -2.48 10.41 9.60
CA LEU A 153 -1.34 11.33 9.34
C LEU A 153 -0.61 11.02 8.01
N ILE A 154 -0.46 9.75 7.64
CA ILE A 154 0.10 9.40 6.30
C ILE A 154 -0.77 9.99 5.21
N GLY A 155 -2.09 9.88 5.37
CA GLY A 155 -2.99 10.45 4.40
C GLY A 155 -2.92 11.96 4.33
N LEU A 156 -2.91 12.57 5.50
CA LEU A 156 -2.76 14.02 5.59
C LEU A 156 -1.47 14.58 4.92
N THR A 157 -0.41 13.82 5.06
CA THR A 157 0.85 14.14 4.46
C THR A 157 0.67 14.24 2.93
N LYS A 158 0.07 13.23 2.35
CA LYS A 158 -0.06 13.15 0.92
C LYS A 158 -0.99 14.31 0.51
N GLN A 159 -2.07 14.52 1.27
CA GLN A 159 -3.04 15.54 0.90
C GLN A 159 -2.46 16.96 0.88
N MET A 160 -1.69 17.29 1.89
CA MET A 160 -1.11 18.60 2.01
C MET A 160 0.05 18.80 1.02
N ALA A 161 0.80 17.74 0.73
CA ALA A 161 1.78 17.76 -0.34
C ALA A 161 1.17 18.13 -1.69
N MET A 162 0.02 17.52 -2.00
CA MET A 162 -0.74 17.89 -3.20
C MET A 162 -1.30 19.34 -3.12
N GLU A 163 -1.82 19.69 -1.98
CA GLU A 163 -2.42 21.00 -1.84
C GLU A 163 -1.41 22.11 -2.02
N PHE A 164 -0.23 21.99 -1.48
CA PHE A 164 0.75 23.10 -1.51
C PHE A 164 1.90 22.92 -2.45
N GLY A 165 1.78 21.94 -3.32
CA GLY A 165 2.84 21.64 -4.19
C GLY A 165 3.19 22.84 -5.14
N LYS A 166 2.18 23.47 -5.70
CA LYS A 166 2.42 24.62 -6.63
C LYS A 166 3.07 25.79 -5.88
N GLN A 167 2.95 25.84 -4.56
CA GLN A 167 3.59 26.85 -3.74
C GLN A 167 4.93 26.40 -3.25
N ASN A 168 5.48 25.29 -3.79
CA ASN A 168 6.78 24.76 -3.38
C ASN A 168 6.97 24.58 -1.89
N ILE A 169 5.90 24.14 -1.24
CA ILE A 169 5.96 23.68 0.16
C ILE A 169 5.94 22.13 0.11
N ARG A 170 6.99 21.50 0.60
CA ARG A 170 7.12 20.05 0.56
C ARG A 170 6.64 19.49 1.89
N VAL A 171 5.95 18.35 1.81
CA VAL A 171 5.32 17.77 3.05
C VAL A 171 5.58 16.28 2.93
N ASN A 172 6.31 15.73 3.86
CA ASN A 172 6.66 14.33 3.85
C ASN A 172 6.44 13.74 5.25
N SER A 173 6.49 12.40 5.32
CA SER A 173 6.40 11.72 6.64
C SER A 173 7.50 10.72 6.80
N ILE A 174 7.82 10.43 8.04
CA ILE A 174 8.76 9.41 8.41
C ILE A 174 7.95 8.41 9.22
N SER A 175 8.12 7.12 8.94
CA SER A 175 7.39 6.05 9.69
C SER A 175 8.46 5.22 10.43
N PRO A 176 8.75 5.56 11.72
CA PRO A 176 9.74 4.76 12.41
C PRO A 176 9.20 3.40 12.83
N GLY A 177 10.08 2.42 12.88
CA GLY A 177 9.85 1.16 13.63
C GLY A 177 10.24 1.41 15.10
N VAL A 178 10.82 0.42 15.77
CA VAL A 178 11.05 0.53 17.21
C VAL A 178 12.28 1.43 17.45
N ILE A 179 12.01 2.61 18.03
CA ILE A 179 13.05 3.56 18.44
C ILE A 179 13.09 3.59 19.98
N ARG A 180 14.29 3.33 20.51
CA ARG A 180 14.48 3.42 21.94
C ARG A 180 14.39 4.90 22.41
N THR A 181 13.30 5.21 23.08
CA THR A 181 13.04 6.53 23.62
C THR A 181 12.31 6.37 24.95
N GLU A 182 11.92 7.49 25.55
CA GLU A 182 11.12 7.44 26.77
C GLU A 182 9.76 6.75 26.52
N LEU A 183 9.23 6.87 25.32
CA LEU A 183 7.99 6.21 25.00
C LEU A 183 8.11 4.69 25.13
N THR A 184 9.23 4.12 24.66
CA THR A 184 9.39 2.68 24.57
C THR A 184 10.36 2.05 25.57
N GLU A 185 10.93 2.88 26.43
CA GLU A 185 12.07 2.46 27.28
C GLU A 185 11.69 1.23 28.16
N GLU A 186 10.46 1.13 28.56
CA GLU A 186 10.03 -0.02 29.39
C GLU A 186 10.23 -1.35 28.71
N TYR A 187 10.15 -1.37 27.37
CA TYR A 187 10.35 -2.63 26.67
C TYR A 187 11.71 -3.24 26.94
N PHE A 188 12.73 -2.39 27.14
CA PHE A 188 14.09 -2.84 26.98
C PHE A 188 14.61 -3.60 28.21
N SER A 189 13.90 -3.56 29.32
CA SER A 189 14.32 -4.40 30.47
C SER A 189 13.61 -5.75 30.44
N ASN A 190 12.75 -6.00 29.46
CA ASN A 190 11.94 -7.21 29.42
C ASN A 190 12.46 -8.17 28.32
N LYS A 191 12.97 -9.32 28.73
CA LYS A 191 13.72 -10.21 27.84
C LYS A 191 12.85 -10.83 26.79
N ALA A 192 11.68 -11.29 27.22
CA ALA A 192 10.69 -11.90 26.39
C ALA A 192 10.31 -10.92 25.31
N LEU A 193 10.01 -9.71 25.77
CA LEU A 193 9.52 -8.68 24.91
C LEU A 193 10.59 -8.29 23.88
N MET A 194 11.84 -8.09 24.30
CA MET A 194 12.90 -7.76 23.35
C MET A 194 13.03 -8.85 22.32
N SER A 195 12.81 -10.09 22.72
CA SER A 195 12.93 -11.22 21.77
C SER A 195 11.87 -11.23 20.73
N MET A 196 10.67 -10.91 21.15
CA MET A 196 9.60 -10.82 20.21
C MET A 196 9.70 -9.63 19.25
N ILE A 197 10.19 -8.50 19.71
CA ILE A 197 10.48 -7.38 18.81
C ILE A 197 11.50 -7.77 17.77
N LYS A 198 12.63 -8.30 18.20
CA LYS A 198 13.60 -8.77 17.24
C LYS A 198 13.07 -9.81 16.24
N SER A 199 12.15 -10.64 16.66
CA SER A 199 11.40 -11.60 15.82
C SER A 199 10.49 -11.01 14.79
N ASN A 200 9.92 -9.87 15.11
CA ASN A 200 9.05 -9.16 14.23
C ASN A 200 9.72 -8.23 13.23
N GLN A 201 11.06 -8.28 13.09
CA GLN A 201 11.73 -7.42 12.12
C GLN A 201 12.96 -8.16 11.57
N SER A 202 13.74 -7.53 10.68
CA SER A 202 14.80 -8.25 10.00
C SER A 202 16.18 -8.00 10.69
N LEU A 203 16.43 -6.80 11.22
CA LEU A 203 17.72 -6.48 11.89
C LEU A 203 17.65 -6.77 13.37
N ASP A 204 18.73 -7.35 13.89
CA ASP A 204 18.85 -7.70 15.28
C ASP A 204 19.39 -6.51 16.13
N THR A 205 18.57 -5.49 16.27
CA THR A 205 19.00 -4.18 16.81
C THR A 205 17.73 -3.36 16.92
N TRP A 206 17.86 -2.16 17.42
CA TRP A 206 16.73 -1.26 17.55
C TRP A 206 17.23 0.12 17.09
N GLY A 207 16.26 0.93 16.75
CA GLY A 207 16.56 2.25 16.37
C GLY A 207 16.88 3.13 17.56
N LEU A 208 17.56 4.22 17.22
CA LEU A 208 17.79 5.33 18.14
C LEU A 208 17.30 6.64 17.58
N PRO A 209 17.12 7.61 18.48
CA PRO A 209 16.62 8.87 18.00
C PRO A 209 17.43 9.46 16.85
N GLN A 210 18.74 9.31 16.89
CA GLN A 210 19.58 9.77 15.77
C GLN A 210 19.24 9.18 14.40
N ASP A 211 18.73 7.94 14.35
CA ASP A 211 18.34 7.37 13.06
C ASP A 211 17.22 8.20 12.46
N ILE A 212 16.34 8.76 13.30
CA ILE A 212 15.22 9.52 12.74
C ILE A 212 15.70 10.95 12.50
N VAL A 213 16.55 11.47 13.36
CA VAL A 213 17.13 12.82 13.10
C VAL A 213 17.83 12.88 11.74
N SER A 214 18.61 11.85 11.43
CA SER A 214 19.33 11.76 10.11
C SER A 214 18.38 11.80 8.94
N CYS A 215 17.25 11.15 9.11
CA CYS A 215 16.25 11.13 8.03
C CYS A 215 15.67 12.49 7.85
N ILE A 216 15.39 13.12 8.96
CA ILE A 216 14.88 14.51 8.94
C ILE A 216 15.90 15.46 8.25
N GLU A 217 17.13 15.32 8.62
CA GLU A 217 18.22 16.11 7.97
C GLU A 217 18.21 15.98 6.46
N TYR A 218 18.07 14.75 6.01
CA TYR A 218 17.89 14.50 4.58
C TYR A 218 16.65 15.16 3.97
N LEU A 219 15.48 14.98 4.60
CA LEU A 219 14.24 15.48 4.05
C LEU A 219 14.12 16.99 4.00
N ILE A 220 14.85 17.68 4.87
CA ILE A 220 14.86 19.17 4.86
C ILE A 220 15.98 19.71 4.00
N SER A 221 16.81 18.90 3.43
CA SER A 221 18.06 19.39 2.74
C SER A 221 17.70 19.80 1.35
N ASP A 222 18.63 20.49 0.67
CA ASP A 222 18.49 20.80 -0.72
C ASP A 222 18.45 19.57 -1.62
N GLN A 223 19.06 18.48 -1.23
CA GLN A 223 19.02 17.22 -1.87
C GLN A 223 17.60 16.59 -1.89
N ALA A 224 16.65 17.11 -1.11
CA ALA A 224 15.30 16.62 -1.10
C ALA A 224 14.35 17.50 -1.87
N ARG A 225 14.86 18.40 -2.72
CA ARG A 225 14.03 19.29 -3.53
C ARG A 225 12.93 18.62 -4.32
N PHE A 226 13.10 17.38 -4.77
CA PHE A 226 12.07 16.69 -5.58
C PHE A 226 11.22 15.71 -4.69
N ILE A 227 11.39 15.77 -3.37
CA ILE A 227 10.65 14.80 -2.46
C ILE A 227 9.47 15.48 -1.79
N THR A 228 8.26 15.09 -2.19
CA THR A 228 7.08 15.53 -1.54
C THR A 228 5.99 14.44 -1.59
N GLY A 229 5.23 14.38 -0.52
CA GLY A 229 4.19 13.39 -0.36
C GLY A 229 4.70 12.00 -0.05
N SER A 230 5.98 11.82 0.27
CA SER A 230 6.54 10.50 0.45
C SER A 230 6.53 10.13 1.94
N ASN A 231 6.58 8.84 2.18
CA ASN A 231 6.65 8.28 3.50
C ASN A 231 7.92 7.44 3.59
N PHE A 232 8.85 7.84 4.41
CA PHE A 232 10.09 7.11 4.57
C PHE A 232 10.08 6.23 5.82
N VAL A 233 10.18 4.94 5.60
CA VAL A 233 10.12 3.95 6.65
C VAL A 233 11.55 3.70 7.14
N ILE A 234 11.72 3.77 8.45
CA ILE A 234 12.98 3.54 9.11
C ILE A 234 12.72 2.57 10.27
N ASP A 235 12.72 1.27 9.97
CA ASP A 235 12.12 0.29 10.88
C ASP A 235 12.78 -1.05 10.97
N GLY A 236 14.02 -1.15 10.47
CA GLY A 236 14.81 -2.38 10.54
C GLY A 236 14.13 -3.60 9.95
N GLY A 237 13.20 -3.37 9.04
CA GLY A 237 12.49 -4.46 8.37
C GLY A 237 11.21 -4.88 9.00
N GLN A 238 10.71 -4.15 10.01
CA GLN A 238 9.51 -4.55 10.69
C GLN A 238 8.32 -4.73 9.72
N THR A 239 8.19 -3.85 8.72
CA THR A 239 7.04 -3.88 7.81
C THR A 239 7.27 -4.82 6.58
N ALA A 240 8.44 -5.45 6.47
CA ALA A 240 8.76 -6.16 5.24
C ALA A 240 7.79 -7.34 4.99
N GLY A 241 7.39 -8.03 6.06
CA GLY A 241 6.51 -9.14 5.95
C GLY A 241 6.44 -9.98 7.18
N LYS A 242 6.11 -11.25 7.03
CA LYS A 242 5.93 -12.09 8.19
C LYS A 242 6.87 -13.22 8.09
N ASN A 243 7.53 -13.46 9.22
CA ASN A 243 8.48 -14.56 9.40
C ASN A 243 8.19 -15.45 10.59
N LYS B 1 -31.98 -11.71 11.84
CA LYS B 1 -30.71 -10.91 12.02
C LYS B 1 -31.09 -9.45 12.12
N ILE B 2 -30.48 -8.74 13.04
CA ILE B 2 -30.67 -7.31 13.17
C ILE B 2 -29.41 -6.57 12.59
N ILE B 3 -29.61 -5.59 11.73
CA ILE B 3 -28.57 -4.83 11.13
C ILE B 3 -28.72 -3.34 11.47
N MET B 4 -27.65 -2.72 12.02
CA MET B 4 -27.61 -1.33 12.35
C MET B 4 -26.89 -0.62 11.21
N ILE B 5 -27.46 0.41 10.63
CA ILE B 5 -27.01 1.08 9.44
C ILE B 5 -27.07 2.57 9.69
N SER B 6 -25.89 3.19 9.66
CA SER B 6 -25.79 4.63 9.74
C SER B 6 -25.87 5.22 8.36
N GLY B 7 -26.15 6.54 8.27
CA GLY B 7 -26.34 7.19 6.97
C GLY B 7 -27.62 6.76 6.25
N ALA B 8 -28.59 6.26 7.03
CA ALA B 8 -29.78 5.62 6.49
C ALA B 8 -30.75 6.50 5.73
N ASN B 9 -30.61 7.82 5.82
CA ASN B 9 -31.54 8.72 5.15
C ASN B 9 -31.19 9.03 3.73
N SER B 10 -29.97 8.66 3.29
CA SER B 10 -29.52 9.09 1.96
C SER B 10 -28.60 8.08 1.36
N GLY B 11 -28.46 8.16 0.03
CA GLY B 11 -27.36 7.52 -0.63
C GLY B 11 -27.17 6.07 -0.36
N ILE B 12 -25.93 5.68 0.00
CA ILE B 12 -25.61 4.30 0.17
C ILE B 12 -26.36 3.69 1.35
N GLY B 13 -26.41 4.43 2.45
CA GLY B 13 -27.07 3.89 3.63
C GLY B 13 -28.57 3.69 3.39
N HIS B 14 -29.17 4.63 2.70
CA HIS B 14 -30.59 4.48 2.34
C HIS B 14 -30.81 3.29 1.44
N ALA B 15 -30.01 3.12 0.40
CA ALA B 15 -30.15 1.89 -0.39
C ALA B 15 -30.00 0.63 0.42
N CYS B 16 -29.17 0.65 1.48
CA CYS B 16 -29.05 -0.45 2.34
C CYS B 16 -30.33 -0.81 3.15
N ILE B 17 -30.95 0.20 3.77
CA ILE B 17 -32.26 0.08 4.53
C ILE B 17 -33.29 -0.68 3.69
N LYS B 18 -33.40 -0.22 2.47
CA LYS B 18 -34.43 -0.76 1.52
C LYS B 18 -34.15 -2.20 1.22
N TYR B 19 -32.91 -2.45 0.80
CA TYR B 19 -32.48 -3.76 0.37
C TYR B 19 -32.55 -4.77 1.46
N PHE B 20 -31.99 -4.45 2.62
CA PHE B 20 -32.03 -5.38 3.70
C PHE B 20 -33.40 -5.59 4.35
N LEU B 21 -34.23 -4.57 4.43
CA LEU B 21 -35.64 -4.78 4.85
C LEU B 21 -36.33 -5.76 3.91
N GLU B 22 -36.09 -5.54 2.63
CA GLU B 22 -36.55 -6.41 1.57
C GLU B 22 -36.10 -7.84 1.77
N LYS B 23 -34.93 -8.07 2.38
CA LYS B 23 -34.43 -9.42 2.68
C LYS B 23 -34.77 -9.95 4.01
N SER B 24 -35.73 -9.36 4.67
CA SER B 24 -36.19 -9.85 5.96
C SER B 24 -35.29 -9.58 7.14
N PHE B 25 -34.32 -8.67 7.02
CA PHE B 25 -33.59 -8.23 8.23
C PHE B 25 -34.46 -7.28 9.02
N HIS B 26 -34.26 -7.23 10.32
CA HIS B 26 -34.67 -6.11 11.19
C HIS B 26 -33.56 -5.03 11.16
N VAL B 27 -33.94 -3.81 10.86
CA VAL B 27 -33.03 -2.73 10.63
C VAL B 27 -33.12 -1.67 11.71
N ILE B 28 -31.98 -1.25 12.27
CA ILE B 28 -31.91 -0.05 13.09
C ILE B 28 -31.21 0.98 12.24
N ALA B 29 -31.88 2.05 11.91
CA ALA B 29 -31.46 3.08 11.01
C ALA B 29 -31.07 4.32 11.80
N LEU B 30 -29.83 4.77 11.65
CA LEU B 30 -29.33 5.98 12.24
C LEU B 30 -29.03 7.05 11.25
N ASP B 31 -29.52 8.27 11.52
CA ASP B 31 -29.18 9.40 10.70
C ASP B 31 -29.63 10.68 11.44
N ILE B 32 -29.01 11.77 11.09
CA ILE B 32 -29.37 13.08 11.65
C ILE B 32 -30.67 13.61 10.97
N ASN B 33 -30.94 13.18 9.73
CA ASN B 33 -32.19 13.48 9.02
C ASN B 33 -33.03 12.22 8.99
N ASN B 34 -34.36 12.39 8.87
CA ASN B 34 -35.26 11.28 8.66
C ASN B 34 -36.34 11.45 7.56
N ASN B 35 -36.29 12.51 6.79
CA ASN B 35 -37.37 12.78 5.82
C ASN B 35 -37.57 11.65 4.82
N ASN B 36 -36.52 10.88 4.50
CA ASN B 36 -36.66 9.79 3.56
C ASN B 36 -37.01 8.54 4.24
N LEU B 37 -37.03 8.52 5.54
CA LEU B 37 -37.31 7.25 6.26
C LEU B 37 -38.78 7.19 6.78
N ILE B 38 -39.42 8.35 6.83
CA ILE B 38 -40.84 8.50 7.19
C ILE B 38 -41.80 7.57 6.50
N ASP B 39 -41.75 7.49 5.17
CA ASP B 39 -42.68 6.58 4.45
C ASP B 39 -42.55 5.14 4.96
N TYR B 40 -41.30 4.66 5.08
CA TYR B 40 -40.99 3.30 5.61
C TYR B 40 -41.49 3.13 7.07
N MET B 41 -41.41 4.19 7.85
CA MET B 41 -41.88 4.19 9.27
C MET B 41 -43.39 3.93 9.38
N LYS B 42 -44.15 4.54 8.46
CA LYS B 42 -45.63 4.35 8.30
C LYS B 42 -46.02 2.86 8.11
N THR B 43 -45.16 2.05 7.48
CA THR B 43 -45.48 0.63 7.30
C THR B 43 -45.29 -0.11 8.61
N ASP B 44 -45.59 -1.41 8.65
CA ASP B 44 -45.17 -2.15 9.85
C ASP B 44 -43.93 -3.09 9.49
N MET B 45 -43.05 -2.60 8.62
CA MET B 45 -41.74 -3.27 8.44
C MET B 45 -40.91 -3.16 9.72
N PRO B 46 -40.12 -4.22 10.05
CA PRO B 46 -39.36 -4.20 11.27
C PRO B 46 -38.11 -3.19 11.12
N LEU B 47 -38.40 -1.89 11.26
CA LEU B 47 -37.51 -0.77 11.09
C LEU B 47 -37.58 0.15 12.29
N LYS B 48 -36.50 0.30 13.08
CA LYS B 48 -36.43 1.37 14.06
C LYS B 48 -35.61 2.51 13.48
N VAL B 49 -36.19 3.71 13.41
CA VAL B 49 -35.48 4.89 12.97
C VAL B 49 -35.03 5.73 14.16
N VAL B 50 -33.75 6.05 14.25
CA VAL B 50 -33.23 6.91 15.31
C VAL B 50 -32.71 8.19 14.66
N GLN B 51 -33.18 9.35 15.15
CA GLN B 51 -32.68 10.64 14.76
C GLN B 51 -31.56 10.94 15.70
N ILE B 52 -30.35 11.06 15.15
CA ILE B 52 -29.16 11.19 16.02
C ILE B 52 -28.05 11.88 15.22
N ASP B 53 -27.45 12.89 15.81
CA ASP B 53 -26.20 13.49 15.34
C ASP B 53 -25.08 12.63 15.87
N LEU B 54 -24.50 11.84 14.97
CA LEU B 54 -23.41 10.93 15.35
C LEU B 54 -22.06 11.61 15.71
N SER B 55 -21.94 12.90 15.47
CA SER B 55 -20.85 13.73 15.97
C SER B 55 -20.92 14.00 17.46
N ASN B 56 -22.00 13.65 18.10
CA ASN B 56 -22.20 13.89 19.54
C ASN B 56 -22.13 12.58 20.23
N SER B 57 -21.00 12.34 20.87
CA SER B 57 -20.72 11.01 21.47
C SER B 57 -21.68 10.74 22.65
N GLU B 58 -22.19 11.78 23.30
CA GLU B 58 -23.21 11.65 24.34
C GLU B 58 -24.55 11.10 23.76
N ALA B 59 -24.94 11.54 22.55
CA ALA B 59 -26.12 10.99 21.92
C ALA B 59 -25.89 9.54 21.52
N ILE B 60 -24.66 9.16 21.16
CA ILE B 60 -24.39 7.72 20.89
C ILE B 60 -24.56 6.89 22.17
N HIS B 61 -24.06 7.42 23.27
CA HIS B 61 -24.18 6.75 24.54
C HIS B 61 -25.68 6.62 24.92
N ASN B 62 -26.46 7.67 24.75
CA ASN B 62 -27.90 7.52 25.07
C ASN B 62 -28.58 6.48 24.19
N LEU B 63 -28.21 6.46 22.92
CA LEU B 63 -28.70 5.47 21.99
C LEU B 63 -28.49 4.10 22.56
N PHE B 64 -27.26 3.81 22.98
CA PHE B 64 -27.01 2.47 23.48
C PHE B 64 -27.67 2.13 24.83
N THR B 65 -27.90 3.14 25.64
CA THR B 65 -28.70 2.97 26.90
C THR B 65 -30.12 2.53 26.49
N GLN B 66 -30.70 3.22 25.53
CA GLN B 66 -32.02 2.85 24.99
C GLN B 66 -32.08 1.45 24.46
N LEU B 67 -31.09 1.09 23.66
CA LEU B 67 -31.03 -0.26 23.11
C LEU B 67 -30.88 -1.31 24.19
N ASP B 68 -30.03 -1.05 25.21
CA ASP B 68 -29.89 -2.02 26.28
C ASP B 68 -31.26 -2.17 27.05
N LEU B 69 -31.99 -1.08 27.21
CA LEU B 69 -33.30 -1.15 27.93
C LEU B 69 -34.29 -1.98 27.12
N GLU B 70 -34.19 -1.91 25.82
CA GLU B 70 -35.05 -2.65 24.90
C GLU B 70 -34.54 -4.00 24.59
N LYS B 71 -33.41 -4.38 25.17
CA LYS B 71 -32.73 -5.65 24.95
C LYS B 71 -32.55 -5.93 23.44
N LEU B 72 -32.17 -4.87 22.74
CA LEU B 72 -31.97 -4.89 21.28
C LEU B 72 -30.47 -4.66 21.01
N SER B 73 -29.84 -5.64 20.39
CA SER B 73 -28.42 -5.58 20.03
C SER B 73 -28.23 -6.02 18.54
N PRO B 74 -27.51 -5.20 17.71
CA PRO B 74 -27.43 -5.66 16.33
C PRO B 74 -26.48 -6.79 16.17
N ASP B 75 -26.72 -7.60 15.15
CA ASP B 75 -25.79 -8.59 14.70
C ASP B 75 -24.68 -8.07 13.76
N ILE B 76 -25.03 -7.03 13.04
CA ILE B 76 -24.22 -6.47 11.99
C ILE B 76 -24.26 -4.99 12.12
N LEU B 77 -23.12 -4.33 11.86
CA LEU B 77 -23.03 -2.83 11.87
C LEU B 77 -22.46 -2.38 10.55
N ILE B 78 -23.18 -1.55 9.84
CA ILE B 78 -22.73 -0.82 8.66
C ILE B 78 -22.49 0.63 8.97
N ASN B 79 -21.19 1.07 8.98
CA ASN B 79 -20.87 2.46 9.21
C ASN B 79 -20.80 3.23 7.88
N ALA B 80 -21.91 3.87 7.47
CA ALA B 80 -21.98 4.58 6.25
C ALA B 80 -22.19 6.06 6.35
N ALA B 81 -22.69 6.59 7.46
CA ALA B 81 -22.82 8.03 7.60
C ALA B 81 -21.45 8.71 7.40
N GLY B 82 -21.44 9.79 6.64
CA GLY B 82 -20.18 10.44 6.37
C GLY B 82 -20.46 11.80 5.82
N ILE B 83 -19.50 12.69 5.97
CA ILE B 83 -19.55 13.98 5.33
C ILE B 83 -18.26 14.24 4.56
N ARG B 84 -18.27 15.20 3.66
CA ARG B 84 -17.08 15.52 2.89
C ARG B 84 -17.08 16.99 2.65
N GLU B 85 -16.04 17.67 3.10
CA GLU B 85 -15.83 19.08 2.78
C GLU B 85 -15.21 19.21 1.39
N ILE B 86 -15.40 20.36 0.74
CA ILE B 86 -14.63 20.71 -0.46
C ILE B 86 -14.16 22.10 -0.15
N THR B 87 -12.98 22.19 0.40
CA THR B 87 -12.49 23.45 0.92
C THR B 87 -11.02 23.52 0.83
N PRO B 88 -10.54 24.57 0.18
CA PRO B 88 -9.08 24.76 0.16
C PRO B 88 -8.57 24.73 1.60
N VAL B 89 -7.45 24.04 1.79
CA VAL B 89 -7.00 23.74 3.12
C VAL B 89 -6.74 24.98 3.98
N LEU B 90 -6.23 26.06 3.40
CA LEU B 90 -6.05 27.26 4.22
C LEU B 90 -7.35 27.83 4.72
N HIS B 91 -8.46 27.49 4.14
CA HIS B 91 -9.77 27.90 4.60
C HIS B 91 -10.48 26.88 5.41
N LEU B 92 -9.84 25.74 5.68
CA LEU B 92 -10.44 24.71 6.48
C LEU B 92 -10.25 24.99 7.96
N SER B 93 -11.34 25.21 8.66
CA SER B 93 -11.27 25.67 10.06
C SER B 93 -11.01 24.48 10.97
N ASP B 94 -10.58 24.78 12.20
CA ASP B 94 -10.30 23.79 13.17
C ASP B 94 -11.59 22.98 13.40
N ASP B 95 -12.70 23.70 13.60
CA ASP B 95 -13.97 23.00 13.90
C ASP B 95 -14.44 22.08 12.79
N MET B 96 -14.33 22.55 11.55
CA MET B 96 -14.71 21.73 10.44
C MET B 96 -13.82 20.47 10.26
N PHE B 97 -12.53 20.60 10.46
CA PHE B 97 -11.63 19.42 10.42
C PHE B 97 -12.07 18.44 11.46
N LYS B 98 -12.25 18.94 12.68
CA LYS B 98 -12.65 18.07 13.76
C LYS B 98 -14.05 17.45 13.61
N LYS B 99 -14.96 18.15 13.00
CA LYS B 99 -16.32 17.66 12.67
C LYS B 99 -16.27 16.51 11.67
N VAL B 100 -15.52 16.66 10.61
CA VAL B 100 -15.36 15.60 9.68
C VAL B 100 -14.73 14.34 10.33
N ILE B 101 -13.70 14.55 11.12
CA ILE B 101 -13.12 13.47 11.90
C ILE B 101 -14.17 12.82 12.85
N ASP B 102 -14.97 13.64 13.53
CA ASP B 102 -15.90 13.09 14.51
C ASP B 102 -17.00 12.22 13.82
N VAL B 103 -17.46 12.61 12.63
CA VAL B 103 -18.49 11.87 11.91
C VAL B 103 -17.83 10.69 11.24
N ASN B 104 -16.68 10.90 10.59
CA ASN B 104 -16.17 9.89 9.64
C ASN B 104 -15.35 8.83 10.28
N LEU B 105 -14.74 9.14 11.43
CA LEU B 105 -13.91 8.24 12.16
C LEU B 105 -14.37 7.97 13.57
N VAL B 106 -14.63 9.00 14.36
CA VAL B 106 -14.91 8.73 15.77
C VAL B 106 -16.25 8.01 15.93
N ALA B 107 -17.25 8.37 15.13
CA ALA B 107 -18.52 7.66 15.26
C ALA B 107 -18.42 6.19 14.87
N PRO B 108 -17.70 5.85 13.75
CA PRO B 108 -17.52 4.41 13.53
C PRO B 108 -16.77 3.71 14.62
N PHE B 109 -15.78 4.38 15.23
CA PHE B 109 -15.06 3.81 16.33
C PHE B 109 -16.01 3.48 17.51
N ILE B 110 -16.76 4.47 17.92
CA ILE B 110 -17.64 4.30 19.11
C ILE B 110 -18.77 3.24 18.82
N LEU B 111 -19.47 3.36 17.69
CA LEU B 111 -20.48 2.37 17.29
C LEU B 111 -19.85 0.99 17.26
N SER B 112 -18.61 0.90 16.71
CA SER B 112 -17.94 -0.39 16.63
C SER B 112 -17.60 -0.97 17.98
N ARG B 113 -17.03 -0.15 18.85
CA ARG B 113 -16.67 -0.59 20.21
C ARG B 113 -17.93 -1.12 21.00
N GLU B 114 -19.02 -0.41 20.82
CA GLU B 114 -20.28 -0.68 21.60
C GLU B 114 -20.86 -1.96 21.07
N VAL B 115 -20.91 -2.17 19.72
CA VAL B 115 -21.46 -3.49 19.25
C VAL B 115 -20.58 -4.58 19.63
N ALA B 116 -19.25 -4.36 19.54
CA ALA B 116 -18.31 -5.41 19.84
C ALA B 116 -18.31 -5.82 21.32
N LYS B 117 -18.49 -4.86 22.19
CA LYS B 117 -18.63 -5.15 23.63
C LYS B 117 -19.78 -6.16 23.86
N ARG B 118 -20.91 -5.91 23.21
CA ARG B 118 -22.15 -6.73 23.38
C ARG B 118 -21.97 -8.07 22.74
N TRP B 119 -21.29 -8.12 21.58
CA TRP B 119 -20.87 -9.41 20.99
C TRP B 119 -19.93 -10.24 21.87
N CYS B 120 -18.89 -9.64 22.41
CA CYS B 120 -17.98 -10.37 23.26
C CYS B 120 -18.68 -10.92 24.53
N GLU B 121 -19.53 -10.09 25.15
CA GLU B 121 -20.26 -10.53 26.38
C GLU B 121 -21.29 -11.63 26.09
N SER B 122 -21.99 -11.54 24.97
CA SER B 122 -22.92 -12.59 24.52
C SER B 122 -22.26 -13.77 23.82
N LYS B 123 -20.98 -13.69 23.48
CA LYS B 123 -20.34 -14.74 22.69
C LYS B 123 -21.00 -14.97 21.36
N ILE B 124 -21.30 -13.88 20.66
CA ILE B 124 -21.93 -13.83 19.35
C ILE B 124 -20.87 -13.39 18.35
N LYS B 125 -20.92 -13.99 17.18
CA LYS B 125 -20.05 -13.72 16.03
C LYS B 125 -20.43 -12.54 15.09
N GLY B 126 -20.14 -11.36 15.47
CA GLY B 126 -20.56 -10.16 14.78
C GLY B 126 -19.80 -9.78 13.54
N CYS B 127 -20.34 -8.83 12.82
CA CYS B 127 -19.72 -8.43 11.57
C CYS B 127 -19.85 -6.91 11.50
N ILE B 128 -18.73 -6.21 11.12
CA ILE B 128 -18.80 -4.74 10.92
C ILE B 128 -18.28 -4.45 9.51
N VAL B 129 -18.98 -3.63 8.78
CA VAL B 129 -18.51 -3.07 7.49
C VAL B 129 -18.41 -1.54 7.58
N ASN B 130 -17.17 -1.02 7.35
CA ASN B 130 -16.91 0.37 7.33
C ASN B 130 -16.87 0.92 5.96
N ILE B 131 -17.63 1.96 5.64
CA ILE B 131 -17.53 2.54 4.28
C ILE B 131 -16.48 3.62 4.32
N ALA B 132 -15.28 3.28 3.79
CA ALA B 132 -14.19 4.18 3.72
C ALA B 132 -14.29 4.93 2.39
N SER B 133 -13.29 4.86 1.52
CA SER B 133 -13.29 5.59 0.30
C SER B 133 -11.93 5.31 -0.38
N VAL B 134 -11.85 5.46 -1.70
CA VAL B 134 -10.55 5.58 -2.30
C VAL B 134 -9.67 6.75 -1.77
N SER B 135 -10.29 7.78 -1.23
CA SER B 135 -9.56 8.80 -0.45
C SER B 135 -8.97 8.31 0.86
N GLY B 136 -9.18 7.01 1.19
CA GLY B 136 -8.46 6.37 2.22
C GLY B 136 -7.17 5.75 1.80
N LEU B 137 -6.92 5.77 0.46
CA LEU B 137 -5.71 5.21 -0.11
C LEU B 137 -4.86 6.22 -0.87
N MET B 138 -5.46 7.32 -1.27
CA MET B 138 -4.71 8.37 -1.93
C MET B 138 -5.32 9.72 -1.59
N ALA B 139 -4.61 10.77 -1.96
CA ALA B 139 -5.10 12.10 -1.75
C ALA B 139 -5.90 12.73 -2.87
N LYS B 140 -6.63 13.78 -2.51
CA LYS B 140 -7.41 14.57 -3.44
C LYS B 140 -7.36 16.02 -2.95
N PRO B 141 -7.52 16.98 -3.86
CA PRO B 141 -7.36 18.35 -3.37
C PRO B 141 -8.55 18.77 -2.56
N GLU B 142 -8.37 19.79 -1.76
CA GLU B 142 -9.44 20.46 -1.00
C GLU B 142 -10.17 19.51 -0.03
N ARG B 143 -9.50 18.46 0.39
CA ARG B 143 -10.14 17.40 1.13
C ARG B 143 -9.22 16.91 2.25
N ALA B 144 -8.55 17.83 2.92
CA ALA B 144 -7.61 17.40 3.95
C ALA B 144 -8.26 16.54 5.09
N ALA B 145 -9.40 16.95 5.60
CA ALA B 145 -10.06 16.24 6.69
C ALA B 145 -10.64 14.95 6.18
N TYR B 146 -11.23 15.04 4.98
CA TYR B 146 -11.86 13.91 4.39
C TYR B 146 -10.83 12.77 4.16
N VAL B 147 -9.73 13.08 3.46
CA VAL B 147 -8.63 12.16 3.21
C VAL B 147 -8.05 11.60 4.50
N ALA B 148 -7.82 12.45 5.48
CA ALA B 148 -7.29 12.00 6.79
C ALA B 148 -8.27 11.01 7.49
N SER B 149 -9.55 11.34 7.42
CA SER B 149 -10.59 10.57 8.11
C SER B 149 -10.74 9.21 7.46
N LYS B 150 -10.61 9.14 6.10
CA LYS B 150 -10.80 7.91 5.36
C LYS B 150 -9.59 7.00 5.44
N HIS B 151 -8.39 7.58 5.50
CA HIS B 151 -7.17 6.83 5.80
C HIS B 151 -7.26 6.24 7.26
N ALA B 152 -7.74 7.05 8.18
CA ALA B 152 -7.90 6.64 9.55
C ALA B 152 -8.82 5.41 9.65
N LEU B 153 -9.92 5.50 8.95
CA LEU B 153 -10.90 4.44 8.98
C LEU B 153 -10.44 3.12 8.41
N ILE B 154 -9.62 3.19 7.39
CA ILE B 154 -8.98 1.96 6.92
C ILE B 154 -8.08 1.35 7.95
N GLY B 155 -7.25 2.15 8.64
CA GLY B 155 -6.41 1.58 9.70
C GLY B 155 -7.22 1.05 10.89
N LEU B 156 -8.30 1.78 11.24
CA LEU B 156 -9.17 1.36 12.32
C LEU B 156 -9.77 -0.03 12.00
N THR B 157 -10.14 -0.23 10.73
CA THR B 157 -10.70 -1.52 10.29
C THR B 157 -9.71 -2.62 10.51
N LYS B 158 -8.45 -2.44 10.10
CA LYS B 158 -7.46 -3.43 10.28
C LYS B 158 -7.28 -3.72 11.79
N GLN B 159 -7.18 -2.67 12.54
CA GLN B 159 -6.89 -2.76 14.00
C GLN B 159 -7.97 -3.57 14.74
N MET B 160 -9.21 -3.19 14.51
CA MET B 160 -10.35 -3.86 15.14
C MET B 160 -10.53 -5.29 14.63
N ALA B 161 -10.19 -5.56 13.35
CA ALA B 161 -10.11 -6.95 12.89
C ALA B 161 -9.15 -7.78 13.67
N MET B 162 -8.04 -7.20 13.96
CA MET B 162 -7.04 -7.85 14.77
C MET B 162 -7.49 -8.02 16.21
N GLU B 163 -8.07 -6.97 16.74
CA GLU B 163 -8.41 -6.92 18.17
C GLU B 163 -9.48 -7.98 18.44
N PHE B 164 -10.44 -8.11 17.57
CA PHE B 164 -11.63 -8.99 17.83
C PHE B 164 -11.64 -10.33 17.06
N GLY B 165 -10.50 -10.67 16.43
CA GLY B 165 -10.40 -11.84 15.61
C GLY B 165 -10.62 -13.15 16.35
N LYS B 166 -10.05 -13.26 17.54
CA LYS B 166 -10.22 -14.46 18.33
C LYS B 166 -11.64 -14.61 18.84
N GLN B 167 -12.44 -13.55 18.87
CA GLN B 167 -13.85 -13.61 19.23
C GLN B 167 -14.73 -13.84 18.02
N ASN B 168 -14.13 -14.10 16.85
CA ASN B 168 -14.92 -14.29 15.61
C ASN B 168 -15.79 -13.13 15.23
N ILE B 169 -15.27 -11.93 15.49
CA ILE B 169 -15.95 -10.72 14.99
C ILE B 169 -15.18 -10.21 13.79
N ARG B 170 -15.80 -10.18 12.62
CA ARG B 170 -15.10 -9.80 11.39
C ARG B 170 -15.28 -8.31 11.18
N VAL B 171 -14.24 -7.62 10.69
CA VAL B 171 -14.35 -6.19 10.48
C VAL B 171 -13.63 -5.88 9.16
N ASN B 172 -14.38 -5.34 8.21
CA ASN B 172 -13.86 -5.05 6.84
C ASN B 172 -14.30 -3.67 6.41
N SER B 173 -13.65 -3.14 5.39
CA SER B 173 -14.03 -1.89 4.84
C SER B 173 -14.30 -2.02 3.33
N ILE B 174 -15.07 -1.07 2.82
CA ILE B 174 -15.26 -0.92 1.39
C ILE B 174 -14.83 0.47 1.00
N SER B 175 -14.06 0.57 -0.07
CA SER B 175 -13.55 1.87 -0.55
C SER B 175 -14.23 2.19 -1.88
N PRO B 176 -15.29 2.97 -1.85
CA PRO B 176 -15.89 3.25 -3.13
C PRO B 176 -15.11 4.27 -3.92
N GLY B 177 -15.24 4.20 -5.26
CA GLY B 177 -14.91 5.25 -6.18
C GLY B 177 -16.16 6.14 -6.32
N VAL B 178 -16.37 6.76 -7.51
CA VAL B 178 -17.48 7.67 -7.67
C VAL B 178 -18.78 6.93 -7.73
N ILE B 179 -19.65 7.21 -6.77
CA ILE B 179 -20.99 6.59 -6.69
C ILE B 179 -22.01 7.73 -6.76
N ARG B 180 -22.99 7.56 -7.65
CA ARG B 180 -23.97 8.66 -7.80
C ARG B 180 -24.93 8.59 -6.63
N THR B 181 -24.92 9.63 -5.79
CA THR B 181 -25.76 9.72 -4.61
C THR B 181 -25.99 11.25 -4.44
N GLU B 182 -26.75 11.60 -3.42
CA GLU B 182 -26.99 12.98 -3.04
C GLU B 182 -25.66 13.66 -2.70
N LEU B 183 -24.63 12.92 -2.25
CA LEU B 183 -23.35 13.55 -1.98
C LEU B 183 -22.71 14.12 -3.25
N THR B 184 -22.82 13.35 -4.33
CA THR B 184 -22.12 13.69 -5.56
C THR B 184 -23.01 14.19 -6.70
N GLU B 185 -24.33 14.26 -6.46
CA GLU B 185 -25.30 14.55 -7.48
C GLU B 185 -24.98 15.80 -8.28
N GLU B 186 -24.47 16.83 -7.65
CA GLU B 186 -24.08 18.08 -8.28
C GLU B 186 -23.04 17.91 -9.40
N TYR B 187 -22.24 16.84 -9.40
CA TYR B 187 -21.26 16.66 -10.44
C TYR B 187 -21.88 16.33 -11.80
N PHE B 188 -23.04 15.67 -11.77
CA PHE B 188 -23.54 14.94 -12.87
C PHE B 188 -24.14 15.80 -13.98
N SER B 189 -24.40 17.07 -13.70
CA SER B 189 -24.88 17.99 -14.72
C SER B 189 -23.73 18.91 -15.17
N ASN B 190 -22.50 18.58 -14.78
CA ASN B 190 -21.35 19.32 -15.24
C ASN B 190 -20.52 18.46 -16.19
N LYS B 191 -20.56 18.82 -17.47
CA LYS B 191 -19.94 18.00 -18.53
C LYS B 191 -18.43 17.97 -18.42
N ALA B 192 -17.86 19.13 -18.14
CA ALA B 192 -16.43 19.26 -17.95
C ALA B 192 -15.94 18.29 -16.84
N LEU B 193 -16.68 18.31 -15.73
CA LEU B 193 -16.35 17.52 -14.57
C LEU B 193 -16.55 16.01 -14.86
N MET B 194 -17.69 15.63 -15.38
CA MET B 194 -17.92 14.22 -15.79
C MET B 194 -16.83 13.68 -16.70
N SER B 195 -16.38 14.49 -17.63
CA SER B 195 -15.35 14.00 -18.53
C SER B 195 -14.01 13.82 -17.78
N MET B 196 -13.71 14.75 -16.90
CA MET B 196 -12.54 14.61 -16.04
C MET B 196 -12.61 13.33 -15.10
N ILE B 197 -13.77 13.09 -14.49
CA ILE B 197 -13.97 11.93 -13.65
C ILE B 197 -13.70 10.68 -14.50
N LYS B 198 -14.34 10.58 -15.67
CA LYS B 198 -14.13 9.39 -16.53
C LYS B 198 -12.66 9.24 -16.95
N SER B 199 -11.94 10.32 -17.19
CA SER B 199 -10.51 10.20 -17.59
C SER B 199 -9.64 9.73 -16.43
N ASN B 200 -10.10 9.94 -15.20
CA ASN B 200 -9.34 9.57 -14.02
C ASN B 200 -9.60 8.11 -13.58
N GLN B 201 -10.32 7.33 -14.40
CA GLN B 201 -10.56 5.92 -14.06
C GLN B 201 -10.56 5.06 -15.31
N SER B 202 -10.83 3.78 -15.17
CA SER B 202 -10.67 2.86 -16.28
C SER B 202 -12.01 2.68 -17.01
N LEU B 203 -13.10 2.54 -16.25
CA LEU B 203 -14.40 2.26 -16.86
C LEU B 203 -15.12 3.58 -17.15
N ASP B 204 -15.86 3.56 -18.23
CA ASP B 204 -16.55 4.71 -18.70
C ASP B 204 -17.97 4.87 -18.14
N THR B 205 -18.09 4.87 -16.82
CA THR B 205 -19.38 4.84 -16.12
C THR B 205 -19.09 5.32 -14.71
N TRP B 206 -20.13 5.28 -13.90
CA TRP B 206 -20.02 5.56 -12.51
C TRP B 206 -20.72 4.49 -11.75
N GLY B 207 -20.49 4.44 -10.45
CA GLY B 207 -21.18 3.48 -9.67
C GLY B 207 -22.52 3.98 -9.19
N LEU B 208 -23.34 3.04 -8.76
CA LEU B 208 -24.58 3.32 -8.08
C LEU B 208 -24.58 2.71 -6.69
N PRO B 209 -25.55 3.15 -5.85
CA PRO B 209 -25.66 2.61 -4.51
C PRO B 209 -25.68 1.07 -4.49
N GLN B 210 -26.39 0.47 -5.46
CA GLN B 210 -26.51 -0.96 -5.48
C GLN B 210 -25.13 -1.64 -5.62
N ASP B 211 -24.18 -1.00 -6.29
CA ASP B 211 -22.82 -1.61 -6.40
C ASP B 211 -22.18 -1.81 -5.01
N ILE B 212 -22.51 -0.91 -4.08
CA ILE B 212 -21.91 -0.96 -2.76
C ILE B 212 -22.77 -1.87 -1.94
N VAL B 213 -24.11 -1.83 -2.13
CA VAL B 213 -24.97 -2.73 -1.36
C VAL B 213 -24.61 -4.23 -1.62
N SER B 214 -24.36 -4.62 -2.87
CA SER B 214 -23.99 -6.00 -3.25
C SER B 214 -22.68 -6.39 -2.60
N CYS B 215 -21.76 -5.44 -2.46
CA CYS B 215 -20.48 -5.74 -1.77
C CYS B 215 -20.70 -5.99 -0.28
N ILE B 216 -21.57 -5.18 0.30
CA ILE B 216 -21.96 -5.35 1.69
C ILE B 216 -22.64 -6.68 1.92
N GLU B 217 -23.56 -7.03 1.03
CA GLU B 217 -24.17 -8.34 1.08
C GLU B 217 -23.18 -9.52 1.08
N TYR B 218 -22.17 -9.46 0.21
CA TYR B 218 -21.15 -10.48 0.20
C TYR B 218 -20.38 -10.52 1.54
N LEU B 219 -19.95 -9.31 1.99
CA LEU B 219 -19.10 -9.24 3.20
C LEU B 219 -19.79 -9.69 4.47
N ILE B 220 -21.12 -9.57 4.51
CA ILE B 220 -21.84 -10.06 5.70
C ILE B 220 -22.32 -11.52 5.55
N SER B 221 -22.09 -12.17 4.41
CA SER B 221 -22.58 -13.53 4.17
C SER B 221 -21.71 -14.55 4.76
N ASP B 222 -22.20 -15.79 4.79
CA ASP B 222 -21.42 -16.89 5.28
C ASP B 222 -20.27 -17.18 4.37
N GLN B 223 -20.36 -16.76 3.11
CA GLN B 223 -19.26 -16.93 2.18
C GLN B 223 -18.06 -16.02 2.51
N ALA B 224 -18.27 -15.05 3.37
CA ALA B 224 -17.17 -14.16 3.85
C ALA B 224 -16.58 -14.56 5.17
N ARG B 225 -16.82 -15.83 5.59
CA ARG B 225 -16.28 -16.39 6.84
C ARG B 225 -14.80 -16.19 7.06
N PHE B 226 -13.98 -16.20 6.01
CA PHE B 226 -12.52 -16.05 6.17
C PHE B 226 -12.05 -14.64 5.82
N ILE B 227 -12.95 -13.70 5.69
CA ILE B 227 -12.60 -12.34 5.33
C ILE B 227 -12.67 -11.42 6.58
N THR B 228 -11.50 -10.92 6.98
CA THR B 228 -11.43 -9.89 7.99
C THR B 228 -10.18 -9.05 7.81
N GLY B 229 -10.34 -7.74 8.08
CA GLY B 229 -9.24 -6.76 7.98
C GLY B 229 -9.03 -6.31 6.51
N SER B 230 -9.96 -6.65 5.62
CA SER B 230 -9.78 -6.39 4.18
C SER B 230 -10.55 -5.12 3.82
N ASN B 231 -10.05 -4.49 2.75
CA ASN B 231 -10.56 -3.30 2.16
C ASN B 231 -10.87 -3.64 0.71
N PHE B 232 -12.17 -3.67 0.42
CA PHE B 232 -12.69 -3.98 -0.93
C PHE B 232 -12.97 -2.69 -1.72
N VAL B 233 -12.19 -2.45 -2.78
CA VAL B 233 -12.22 -1.27 -3.61
C VAL B 233 -13.26 -1.52 -4.71
N ILE B 234 -14.20 -0.58 -4.87
CA ILE B 234 -15.26 -0.69 -5.87
C ILE B 234 -15.26 0.69 -6.53
N ASP B 235 -14.39 0.85 -7.50
CA ASP B 235 -14.06 2.16 -8.04
C ASP B 235 -13.86 2.38 -9.54
N GLY B 236 -14.21 1.40 -10.37
CA GLY B 236 -14.04 1.57 -11.80
C GLY B 236 -12.66 1.83 -12.27
N GLY B 237 -11.70 1.39 -11.49
CA GLY B 237 -10.30 1.62 -11.76
C GLY B 237 -9.70 2.93 -11.40
N GLN B 238 -10.38 3.70 -10.58
CA GLN B 238 -9.89 5.03 -10.24
C GLN B 238 -8.49 4.99 -9.59
N THR B 239 -8.26 3.95 -8.77
CA THR B 239 -6.97 3.81 -8.04
C THR B 239 -5.92 3.06 -8.81
N ALA B 240 -6.17 2.63 -10.02
CA ALA B 240 -5.18 1.72 -10.64
C ALA B 240 -3.87 2.41 -10.97
N GLY B 241 -3.90 3.68 -11.30
CA GLY B 241 -2.69 4.39 -11.62
C GLY B 241 -2.96 5.66 -12.35
N LYS B 242 -2.03 6.10 -13.18
CA LYS B 242 -2.20 7.40 -13.90
C LYS B 242 -2.14 7.18 -15.42
N ASN B 243 -3.08 7.83 -16.12
CA ASN B 243 -3.29 7.89 -17.60
C ASN B 243 -3.88 6.59 -18.12
N LYS C 1 -21.95 -19.26 -21.38
CA LYS C 1 -20.60 -18.62 -21.09
C LYS C 1 -19.47 -19.66 -20.94
N ILE C 2 -18.32 -19.38 -21.54
CA ILE C 2 -17.17 -20.23 -21.43
C ILE C 2 -16.17 -19.61 -20.44
N ILE C 3 -15.75 -20.41 -19.51
CA ILE C 3 -14.72 -19.98 -18.51
C ILE C 3 -13.48 -20.85 -18.62
N MET C 4 -12.35 -20.20 -18.84
CA MET C 4 -11.07 -20.85 -18.90
C MET C 4 -10.39 -20.71 -17.53
N ILE C 5 -10.06 -21.83 -16.92
CA ILE C 5 -9.49 -21.95 -15.55
C ILE C 5 -8.18 -22.71 -15.62
N SER C 6 -7.07 -22.03 -15.33
CA SER C 6 -5.78 -22.73 -15.14
C SER C 6 -5.65 -23.29 -13.71
N GLY C 7 -4.71 -24.22 -13.54
CA GLY C 7 -4.54 -24.91 -12.26
C GLY C 7 -5.64 -25.85 -11.94
N ALA C 8 -6.33 -26.28 -13.02
CA ALA C 8 -7.59 -27.00 -12.91
C ALA C 8 -7.49 -28.36 -12.27
N ASN C 9 -6.29 -28.93 -12.13
CA ASN C 9 -6.15 -30.32 -11.61
C ASN C 9 -6.10 -30.42 -10.09
N SER C 10 -6.00 -29.25 -9.38
CA SER C 10 -5.68 -29.28 -7.94
C SER C 10 -6.23 -28.03 -7.26
N GLY C 11 -6.46 -28.15 -5.95
CA GLY C 11 -6.66 -26.97 -5.14
C GLY C 11 -7.75 -26.07 -5.57
N ILE C 12 -7.40 -24.79 -5.67
CA ILE C 12 -8.38 -23.78 -5.96
C ILE C 12 -8.93 -23.98 -7.38
N GLY C 13 -8.07 -24.18 -8.37
CA GLY C 13 -8.58 -24.27 -9.75
C GLY C 13 -9.48 -25.50 -9.95
N HIS C 14 -9.19 -26.59 -9.27
CA HIS C 14 -10.08 -27.80 -9.30
C HIS C 14 -11.45 -27.51 -8.68
N ALA C 15 -11.44 -26.83 -7.55
CA ALA C 15 -12.71 -26.45 -6.94
C ALA C 15 -13.47 -25.53 -7.87
N CYS C 16 -12.80 -24.72 -8.65
CA CYS C 16 -13.51 -23.88 -9.63
C CYS C 16 -14.21 -24.70 -10.75
N ILE C 17 -13.46 -25.66 -11.27
CA ILE C 17 -13.96 -26.62 -12.32
C ILE C 17 -15.24 -27.19 -11.91
N LYS C 18 -15.24 -27.73 -10.74
CA LYS C 18 -16.44 -28.42 -10.31
C LYS C 18 -17.61 -27.49 -10.08
N TYR C 19 -17.32 -26.41 -9.37
CA TYR C 19 -18.34 -25.43 -9.07
C TYR C 19 -18.94 -24.84 -10.33
N PHE C 20 -18.09 -24.39 -11.26
CA PHE C 20 -18.64 -23.72 -12.42
C PHE C 20 -19.33 -24.69 -13.42
N LEU C 21 -18.89 -25.94 -13.47
CA LEU C 21 -19.63 -27.00 -14.20
C LEU C 21 -21.00 -27.11 -13.59
N GLU C 22 -21.09 -27.23 -12.26
CA GLU C 22 -22.40 -27.24 -11.60
C GLU C 22 -23.30 -26.03 -11.87
N LYS C 23 -22.79 -24.87 -12.23
CA LYS C 23 -23.64 -23.71 -12.56
C LYS C 23 -23.82 -23.51 -14.06
N SER C 24 -23.61 -24.54 -14.86
CA SER C 24 -23.88 -24.48 -16.31
C SER C 24 -22.93 -23.67 -17.13
N PHE C 25 -21.68 -23.50 -16.69
CA PHE C 25 -20.69 -22.88 -17.56
C PHE C 25 -20.11 -23.97 -18.45
N HIS C 26 -19.66 -23.59 -19.64
CA HIS C 26 -18.73 -24.43 -20.36
C HIS C 26 -17.30 -24.09 -19.82
N VAL C 27 -16.55 -25.12 -19.46
CA VAL C 27 -15.24 -24.93 -18.86
C VAL C 27 -14.09 -25.43 -19.73
N ILE C 28 -13.08 -24.59 -19.91
CA ILE C 28 -11.84 -25.01 -20.45
C ILE C 28 -10.79 -25.12 -19.30
N ALA C 29 -10.32 -26.31 -18.99
CA ALA C 29 -9.44 -26.63 -17.89
C ALA C 29 -8.02 -26.75 -18.41
N LEU C 30 -7.13 -25.93 -17.89
CA LEU C 30 -5.67 -25.99 -18.21
C LEU C 30 -4.84 -26.43 -17.03
N ASP C 31 -4.03 -27.47 -17.21
CA ASP C 31 -3.07 -27.92 -16.16
C ASP C 31 -2.04 -28.83 -16.83
N ILE C 32 -0.86 -28.88 -16.21
CA ILE C 32 0.23 -29.72 -16.64
C ILE C 32 -0.08 -31.17 -16.25
N ASN C 33 -0.90 -31.40 -15.22
CA ASN C 33 -1.36 -32.72 -14.81
C ASN C 33 -2.83 -32.85 -15.04
N ASN C 34 -3.37 -34.08 -15.06
CA ASN C 34 -4.78 -34.33 -15.35
C ASN C 34 -5.46 -35.48 -14.63
N ASN C 35 -4.77 -36.11 -13.71
CA ASN C 35 -5.27 -37.30 -13.05
C ASN C 35 -6.53 -36.99 -12.31
N ASN C 36 -6.71 -35.76 -11.82
CA ASN C 36 -8.00 -35.47 -11.13
C ASN C 36 -9.10 -35.04 -12.04
N LEU C 37 -8.78 -34.80 -13.29
CA LEU C 37 -9.77 -34.34 -14.26
C LEU C 37 -10.30 -35.53 -15.08
N ILE C 38 -9.66 -36.70 -14.98
CA ILE C 38 -10.06 -37.88 -15.79
C ILE C 38 -11.51 -38.26 -15.60
N ASP C 39 -11.95 -38.48 -14.36
CA ASP C 39 -13.38 -38.81 -14.13
C ASP C 39 -14.41 -37.89 -14.86
N TYR C 40 -14.16 -36.59 -14.75
CA TYR C 40 -14.99 -35.56 -15.36
C TYR C 40 -15.06 -35.69 -16.91
N MET C 41 -13.94 -36.00 -17.53
CA MET C 41 -13.89 -36.09 -18.99
C MET C 41 -14.84 -37.17 -19.50
N LYS C 42 -14.94 -38.31 -18.79
CA LYS C 42 -15.79 -39.47 -19.16
C LYS C 42 -17.29 -39.12 -19.23
N THR C 43 -17.75 -38.27 -18.32
CA THR C 43 -19.15 -37.81 -18.34
C THR C 43 -19.28 -36.99 -19.63
N ASP C 44 -20.45 -36.56 -20.09
CA ASP C 44 -20.39 -35.51 -21.15
C ASP C 44 -20.84 -34.14 -20.64
N MET C 45 -20.21 -33.72 -19.54
CA MET C 45 -20.30 -32.34 -19.10
C MET C 45 -19.53 -31.51 -20.10
N PRO C 46 -19.88 -30.24 -20.27
CA PRO C 46 -19.21 -29.37 -21.22
C PRO C 46 -17.84 -28.88 -20.65
N LEU C 47 -16.87 -29.80 -20.60
CA LEU C 47 -15.55 -29.60 -20.07
C LEU C 47 -14.52 -29.94 -21.13
N LYS C 48 -13.64 -29.02 -21.45
CA LYS C 48 -12.51 -29.36 -22.31
C LYS C 48 -11.24 -29.33 -21.46
N VAL C 49 -10.57 -30.46 -21.37
CA VAL C 49 -9.38 -30.59 -20.60
C VAL C 49 -8.17 -30.49 -21.50
N VAL C 50 -7.26 -29.55 -21.21
CA VAL C 50 -6.04 -29.38 -21.95
C VAL C 50 -4.83 -29.62 -21.02
N GLN C 51 -3.98 -30.56 -21.43
CA GLN C 51 -2.78 -30.92 -20.69
C GLN C 51 -1.72 -30.02 -21.30
N ILE C 52 -1.20 -29.09 -20.50
CA ILE C 52 -0.30 -28.09 -21.01
C ILE C 52 0.62 -27.59 -19.90
N ASP C 53 1.88 -27.42 -20.28
CA ASP C 53 2.90 -26.81 -19.45
C ASP C 53 2.87 -25.32 -19.74
N LEU C 54 2.27 -24.57 -18.81
CA LEU C 54 2.08 -23.09 -19.03
C LEU C 54 3.33 -22.30 -18.98
N SER C 55 4.44 -22.91 -18.58
CA SER C 55 5.76 -22.29 -18.69
C SER C 55 6.36 -22.36 -20.10
N ASN C 56 5.64 -23.01 -21.00
CA ASN C 56 6.06 -23.08 -22.44
C ASN C 56 5.18 -22.18 -23.26
N SER C 57 5.70 -21.02 -23.62
CA SER C 57 4.90 -20.00 -24.26
C SER C 57 4.41 -20.44 -25.66
N GLU C 58 5.15 -21.32 -26.31
CA GLU C 58 4.74 -21.85 -27.66
C GLU C 58 3.58 -22.79 -27.54
N ALA C 59 3.50 -23.54 -26.47
CA ALA C 59 2.35 -24.40 -26.25
C ALA C 59 1.07 -23.55 -26.03
N ILE C 60 1.25 -22.41 -25.32
CA ILE C 60 0.13 -21.52 -25.09
C ILE C 60 -0.34 -20.95 -26.46
N HIS C 61 0.63 -20.53 -27.25
CA HIS C 61 0.31 -19.99 -28.58
C HIS C 61 -0.51 -21.02 -29.40
N ASN C 62 -0.09 -22.27 -29.39
CA ASN C 62 -0.82 -23.35 -30.06
C ASN C 62 -2.15 -23.57 -29.53
N LEU C 63 -2.30 -23.57 -28.20
CA LEU C 63 -3.62 -23.69 -27.60
C LEU C 63 -4.58 -22.64 -28.16
N PHE C 64 -4.17 -21.40 -28.25
CA PHE C 64 -5.08 -20.40 -28.75
C PHE C 64 -5.40 -20.57 -30.26
N THR C 65 -4.40 -20.95 -31.05
CA THR C 65 -4.67 -21.26 -32.50
C THR C 65 -5.74 -22.38 -32.54
N GLN C 66 -5.56 -23.43 -31.78
CA GLN C 66 -6.59 -24.47 -31.69
C GLN C 66 -7.96 -23.95 -31.24
N LEU C 67 -7.97 -23.14 -30.17
CA LEU C 67 -9.23 -22.66 -29.64
C LEU C 67 -9.97 -21.80 -30.68
N ASP C 68 -9.22 -20.97 -31.39
CA ASP C 68 -9.72 -20.19 -32.52
C ASP C 68 -10.37 -21.16 -33.57
N LEU C 69 -9.65 -22.19 -33.94
CA LEU C 69 -10.17 -23.17 -34.92
C LEU C 69 -11.44 -23.82 -34.46
N GLU C 70 -11.57 -24.01 -33.15
CA GLU C 70 -12.76 -24.64 -32.56
C GLU C 70 -13.84 -23.69 -32.14
N LYS C 71 -13.64 -22.42 -32.39
CA LYS C 71 -14.57 -21.36 -31.92
C LYS C 71 -14.91 -21.41 -30.48
N LEU C 72 -13.89 -21.59 -29.63
CA LEU C 72 -14.04 -21.60 -28.19
C LEU C 72 -13.13 -20.45 -27.79
N SER C 73 -13.68 -19.28 -27.59
CA SER C 73 -12.86 -18.19 -27.03
C SER C 73 -13.48 -18.01 -25.66
N PRO C 74 -12.69 -18.04 -24.55
CA PRO C 74 -13.43 -17.86 -23.26
C PRO C 74 -14.00 -16.49 -23.08
N ASP C 75 -15.13 -16.46 -22.40
CA ASP C 75 -15.69 -15.21 -21.87
C ASP C 75 -15.01 -14.73 -20.55
N ILE C 76 -14.47 -15.67 -19.79
CA ILE C 76 -13.84 -15.36 -18.48
C ILE C 76 -12.58 -16.17 -18.36
N LEU C 77 -11.49 -15.56 -17.82
CA LEU C 77 -10.24 -16.24 -17.54
C LEU C 77 -9.94 -16.13 -16.03
N ILE C 78 -9.71 -17.27 -15.41
CA ILE C 78 -9.25 -17.45 -14.05
C ILE C 78 -7.80 -17.99 -14.11
N ASN C 79 -6.84 -17.14 -13.75
CA ASN C 79 -5.44 -17.53 -13.71
C ASN C 79 -5.08 -18.05 -12.34
N ALA C 80 -5.17 -19.36 -12.14
CA ALA C 80 -4.92 -19.98 -10.86
C ALA C 80 -3.72 -20.88 -10.80
N ALA C 81 -3.25 -21.41 -11.94
CA ALA C 81 -2.08 -22.23 -11.90
C ALA C 81 -0.91 -21.44 -11.24
N GLY C 82 -0.21 -22.08 -10.34
CA GLY C 82 0.97 -21.45 -9.76
C GLY C 82 1.82 -22.46 -9.04
N ILE C 83 3.05 -22.06 -8.74
CA ILE C 83 3.95 -22.83 -7.96
C ILE C 83 4.60 -21.94 -6.91
N ARG C 84 5.14 -22.59 -5.90
CA ARG C 84 5.80 -21.90 -4.80
C ARG C 84 7.00 -22.72 -4.35
N GLU C 85 8.16 -22.11 -4.38
CA GLU C 85 9.38 -22.69 -3.82
C GLU C 85 9.40 -22.43 -2.31
N ILE C 86 10.06 -23.32 -1.57
CA ILE C 86 10.48 -22.97 -0.24
C ILE C 86 11.95 -23.22 -0.20
N THR C 87 12.75 -22.22 -0.50
CA THR C 87 14.17 -22.42 -0.68
C THR C 87 14.96 -21.24 -0.15
N PRO C 88 15.89 -21.51 0.74
CA PRO C 88 16.78 -20.38 1.13
C PRO C 88 17.32 -19.74 -0.11
N VAL C 89 17.35 -18.41 -0.12
CA VAL C 89 17.55 -17.67 -1.34
C VAL C 89 18.93 -17.95 -1.93
N LEU C 90 19.92 -18.19 -1.07
CA LEU C 90 21.29 -18.54 -1.57
C LEU C 90 21.32 -19.85 -2.39
N HIS C 91 20.36 -20.72 -2.16
CA HIS C 91 20.16 -21.94 -2.93
C HIS C 91 19.12 -21.83 -4.01
N LEU C 92 18.58 -20.65 -4.26
CA LEU C 92 17.57 -20.49 -5.29
C LEU C 92 18.29 -20.20 -6.60
N SER C 93 18.27 -21.18 -7.51
CA SER C 93 19.00 -21.12 -8.78
C SER C 93 18.38 -20.13 -9.74
N ASP C 94 19.18 -19.66 -10.70
CA ASP C 94 18.59 -18.93 -11.81
C ASP C 94 17.38 -19.57 -12.39
N ASP C 95 17.47 -20.87 -12.68
CA ASP C 95 16.40 -21.52 -13.39
C ASP C 95 15.11 -21.66 -12.54
N MET C 96 15.30 -21.97 -11.29
CA MET C 96 14.14 -22.07 -10.37
C MET C 96 13.42 -20.72 -10.29
N PHE C 97 14.18 -19.62 -10.14
CA PHE C 97 13.59 -18.28 -10.10
C PHE C 97 12.83 -18.01 -11.38
N LYS C 98 13.47 -18.24 -12.52
CA LYS C 98 12.80 -18.04 -13.83
C LYS C 98 11.59 -18.88 -14.07
N LYS C 99 11.58 -20.06 -13.53
CA LYS C 99 10.46 -20.90 -13.72
C LYS C 99 9.26 -20.44 -12.93
N VAL C 100 9.49 -20.05 -11.67
CA VAL C 100 8.43 -19.50 -10.87
C VAL C 100 7.85 -18.28 -11.53
N ILE C 101 8.69 -17.43 -12.07
CA ILE C 101 8.23 -16.27 -12.85
C ILE C 101 7.44 -16.61 -14.07
N ASP C 102 7.95 -17.58 -14.82
CA ASP C 102 7.26 -18.04 -16.01
C ASP C 102 5.87 -18.61 -15.75
N VAL C 103 5.69 -19.36 -14.65
CA VAL C 103 4.42 -19.94 -14.38
C VAL C 103 3.45 -18.89 -13.68
N ASN C 104 3.98 -18.18 -12.68
CA ASN C 104 3.15 -17.32 -11.85
C ASN C 104 2.84 -15.97 -12.46
N LEU C 105 3.69 -15.43 -13.34
CA LEU C 105 3.56 -14.17 -13.97
C LEU C 105 3.44 -14.21 -15.51
N VAL C 106 4.36 -14.88 -16.17
CA VAL C 106 4.35 -14.79 -17.65
C VAL C 106 3.10 -15.49 -18.21
N ALA C 107 2.79 -16.65 -17.68
CA ALA C 107 1.59 -17.38 -18.16
C ALA C 107 0.31 -16.55 -18.04
N PRO C 108 0.04 -15.96 -16.82
CA PRO C 108 -1.10 -15.02 -16.75
C PRO C 108 -1.04 -13.91 -17.72
N PHE C 109 0.14 -13.35 -17.94
CA PHE C 109 0.26 -12.29 -18.90
C PHE C 109 -0.17 -12.74 -20.33
N ILE C 110 0.38 -13.88 -20.76
CA ILE C 110 0.13 -14.34 -22.14
C ILE C 110 -1.34 -14.74 -22.27
N LEU C 111 -1.85 -15.56 -21.35
CA LEU C 111 -3.25 -15.91 -21.38
C LEU C 111 -4.14 -14.70 -21.41
N SER C 112 -3.82 -13.69 -20.56
CA SER C 112 -4.62 -12.48 -20.49
C SER C 112 -4.59 -11.70 -21.80
N ARG C 113 -3.41 -11.57 -22.36
CA ARG C 113 -3.23 -10.82 -23.57
C ARG C 113 -4.07 -11.47 -24.70
N GLU C 114 -4.03 -12.77 -24.74
CA GLU C 114 -4.75 -13.51 -25.84
C GLU C 114 -6.26 -13.43 -25.68
N VAL C 115 -6.79 -13.61 -24.46
CA VAL C 115 -8.23 -13.47 -24.30
C VAL C 115 -8.65 -12.08 -24.56
N ALA C 116 -7.83 -11.11 -24.19
CA ALA C 116 -8.28 -9.70 -24.34
C ALA C 116 -8.23 -9.32 -25.86
N LYS C 117 -7.33 -9.92 -26.61
CA LYS C 117 -7.21 -9.65 -28.02
C LYS C 117 -8.54 -10.02 -28.68
N ARG C 118 -9.07 -11.18 -28.33
CA ARG C 118 -10.34 -11.69 -28.88
C ARG C 118 -11.56 -10.92 -28.42
N TRP C 119 -11.61 -10.56 -27.15
CA TRP C 119 -12.65 -9.65 -26.72
C TRP C 119 -12.66 -8.31 -27.45
N CYS C 120 -11.51 -7.67 -27.63
CA CYS C 120 -11.47 -6.39 -28.29
C CYS C 120 -11.95 -6.50 -29.77
N GLU C 121 -11.48 -7.52 -30.49
CA GLU C 121 -11.98 -7.90 -31.86
C GLU C 121 -13.46 -8.10 -31.86
N SER C 122 -13.96 -8.96 -30.99
CA SER C 122 -15.35 -9.23 -30.99
C SER C 122 -16.24 -8.24 -30.30
N LYS C 123 -15.70 -7.17 -29.68
CA LYS C 123 -16.48 -6.31 -28.80
C LYS C 123 -17.24 -6.99 -27.75
N ILE C 124 -16.62 -7.90 -27.05
CA ILE C 124 -17.19 -8.62 -25.93
C ILE C 124 -16.61 -7.99 -24.63
N LYS C 125 -17.43 -8.04 -23.56
CA LYS C 125 -17.13 -7.58 -22.19
C LYS C 125 -16.48 -8.62 -21.26
N GLY C 126 -15.24 -8.94 -21.51
CA GLY C 126 -14.57 -10.03 -20.81
C GLY C 126 -14.21 -9.69 -19.35
N CYS C 127 -13.78 -10.71 -18.64
CA CYS C 127 -13.51 -10.64 -17.21
C CYS C 127 -12.29 -11.54 -16.89
N ILE C 128 -11.22 -11.00 -16.28
CA ILE C 128 -10.06 -11.79 -15.89
C ILE C 128 -9.95 -11.68 -14.34
N VAL C 129 -9.77 -12.80 -13.68
CA VAL C 129 -9.43 -12.87 -12.26
C VAL C 129 -8.08 -13.57 -12.10
N ASN C 130 -7.12 -12.85 -11.54
CA ASN C 130 -5.80 -13.37 -11.24
C ASN C 130 -5.69 -13.79 -9.82
N ILE C 131 -5.20 -15.01 -9.53
CA ILE C 131 -5.03 -15.48 -8.20
C ILE C 131 -3.58 -15.12 -7.82
N ALA C 132 -3.49 -14.01 -7.08
CA ALA C 132 -2.24 -13.55 -6.57
C ALA C 132 -2.00 -14.22 -5.22
N SER C 133 -1.74 -13.44 -4.16
CA SER C 133 -1.43 -13.97 -2.86
C SER C 133 -1.20 -12.80 -1.90
N VAL C 134 -1.30 -13.06 -0.58
CA VAL C 134 -0.83 -12.08 0.39
C VAL C 134 0.69 -11.85 0.24
N SER C 135 1.42 -12.80 -0.32
CA SER C 135 2.84 -12.61 -0.71
C SER C 135 3.04 -11.71 -1.88
N GLY C 136 1.95 -11.22 -2.45
CA GLY C 136 2.01 -10.08 -3.39
C GLY C 136 1.94 -8.71 -2.74
N LEU C 137 1.71 -8.67 -1.43
CA LEU C 137 1.63 -7.41 -0.64
C LEU C 137 2.72 -7.33 0.45
N MET C 138 3.28 -8.47 0.84
CA MET C 138 4.34 -8.49 1.82
C MET C 138 5.28 -9.69 1.54
N ALA C 139 6.45 -9.66 2.13
CA ALA C 139 7.42 -10.75 1.99
C ALA C 139 7.28 -11.84 3.02
N LYS C 140 7.84 -13.01 2.67
CA LYS C 140 7.93 -14.17 3.52
C LYS C 140 9.30 -14.80 3.26
N PRO C 141 9.78 -15.61 4.22
CA PRO C 141 11.13 -16.19 4.07
C PRO C 141 11.13 -17.30 3.03
N GLU C 142 12.28 -17.49 2.44
CA GLU C 142 12.56 -18.61 1.51
C GLU C 142 11.65 -18.59 0.27
N ARG C 143 11.27 -17.39 -0.20
CA ARG C 143 10.24 -17.24 -1.20
C ARG C 143 10.52 -16.06 -2.09
N ALA C 144 11.79 -15.81 -2.41
CA ALA C 144 12.17 -14.67 -3.21
C ALA C 144 11.47 -14.64 -4.55
N ALA C 145 11.43 -15.78 -5.22
CA ALA C 145 10.75 -15.81 -6.54
C ALA C 145 9.26 -15.71 -6.40
N TYR C 146 8.74 -16.42 -5.41
CA TYR C 146 7.31 -16.47 -5.25
C TYR C 146 6.76 -15.04 -4.94
N VAL C 147 7.42 -14.39 -3.96
CA VAL C 147 7.08 -13.01 -3.56
C VAL C 147 7.18 -12.07 -4.74
N ALA C 148 8.31 -12.12 -5.46
CA ALA C 148 8.48 -11.27 -6.67
C ALA C 148 7.38 -11.50 -7.67
N SER C 149 7.05 -12.77 -7.90
CA SER C 149 6.03 -13.12 -8.89
C SER C 149 4.65 -12.64 -8.52
N LYS C 150 4.35 -12.70 -7.25
CA LYS C 150 3.02 -12.32 -6.81
C LYS C 150 2.86 -10.80 -6.71
N HIS C 151 3.92 -10.09 -6.33
CA HIS C 151 3.89 -8.63 -6.41
C HIS C 151 3.68 -8.23 -7.89
N ALA C 152 4.46 -8.90 -8.75
CA ALA C 152 4.27 -8.67 -10.26
C ALA C 152 2.88 -8.82 -10.75
N LEU C 153 2.20 -9.89 -10.32
CA LEU C 153 0.85 -10.14 -10.77
C LEU C 153 -0.18 -9.13 -10.24
N ILE C 154 0.00 -8.69 -9.00
CA ILE C 154 -0.78 -7.54 -8.56
C ILE C 154 -0.59 -6.32 -9.46
N GLY C 155 0.65 -5.99 -9.80
CA GLY C 155 0.96 -4.85 -10.71
C GLY C 155 0.30 -5.05 -12.08
N LEU C 156 0.45 -6.24 -12.60
CA LEU C 156 -0.06 -6.64 -13.94
C LEU C 156 -1.59 -6.46 -13.96
N THR C 157 -2.27 -6.87 -12.90
CA THR C 157 -3.68 -6.77 -12.80
C THR C 157 -4.12 -5.33 -12.94
N LYS C 158 -3.48 -4.46 -12.20
CA LYS C 158 -3.81 -2.99 -12.28
C LYS C 158 -3.55 -2.45 -13.71
N GLN C 159 -2.42 -2.85 -14.26
CA GLN C 159 -2.00 -2.34 -15.57
C GLN C 159 -3.00 -2.75 -16.67
N MET C 160 -3.38 -4.01 -16.68
CA MET C 160 -4.35 -4.47 -17.68
C MET C 160 -5.73 -3.91 -17.47
N ALA C 161 -6.11 -3.76 -16.21
CA ALA C 161 -7.34 -3.08 -15.89
C ALA C 161 -7.37 -1.68 -16.56
N MET C 162 -6.27 -0.95 -16.48
CA MET C 162 -6.25 0.38 -17.06
C MET C 162 -6.23 0.19 -18.60
N GLU C 163 -5.41 -0.71 -19.09
CA GLU C 163 -5.20 -0.84 -20.55
C GLU C 163 -6.52 -1.15 -21.29
N PHE C 164 -7.38 -1.96 -20.70
CA PHE C 164 -8.58 -2.49 -21.34
C PHE C 164 -9.92 -1.95 -20.77
N GLY C 165 -9.84 -0.93 -19.92
CA GLY C 165 -11.01 -0.38 -19.26
C GLY C 165 -12.01 0.25 -20.27
N LYS C 166 -11.52 0.98 -21.26
CA LYS C 166 -12.44 1.58 -22.24
C LYS C 166 -13.15 0.49 -23.09
N GLN C 167 -12.59 -0.70 -23.17
CA GLN C 167 -13.21 -1.82 -23.83
C GLN C 167 -14.05 -2.68 -22.92
N ASN C 168 -14.34 -2.19 -21.70
CA ASN C 168 -15.19 -2.95 -20.77
C ASN C 168 -14.75 -4.36 -20.43
N ILE C 169 -13.44 -4.53 -20.36
CA ILE C 169 -12.83 -5.73 -19.93
C ILE C 169 -12.28 -5.44 -18.49
N ARG C 170 -12.85 -6.12 -17.51
CA ARG C 170 -12.50 -5.94 -16.07
C ARG C 170 -11.40 -6.95 -15.72
N VAL C 171 -10.44 -6.50 -14.92
CA VAL C 171 -9.32 -7.32 -14.52
C VAL C 171 -9.06 -7.07 -13.03
N ASN C 172 -9.22 -8.10 -12.25
CA ASN C 172 -9.09 -8.05 -10.78
C ASN C 172 -8.23 -9.18 -10.31
N SER C 173 -7.70 -9.06 -9.08
CA SER C 173 -6.94 -10.09 -8.43
C SER C 173 -7.57 -10.46 -7.07
N ILE C 174 -7.37 -11.71 -6.69
CA ILE C 174 -7.66 -12.19 -5.35
C ILE C 174 -6.31 -12.54 -4.73
N SER C 175 -6.15 -12.12 -3.47
CA SER C 175 -4.94 -12.45 -2.65
C SER C 175 -5.33 -13.33 -1.48
N PRO C 176 -5.24 -14.66 -1.65
CA PRO C 176 -5.62 -15.57 -0.53
C PRO C 176 -4.56 -15.53 0.59
N GLY C 177 -5.00 -15.73 1.81
CA GLY C 177 -4.17 -16.15 2.90
C GLY C 177 -4.06 -17.70 2.86
N VAL C 178 -3.92 -18.36 4.03
CA VAL C 178 -3.67 -19.81 4.06
C VAL C 178 -4.94 -20.57 3.70
N ILE C 179 -4.90 -21.24 2.55
CA ILE C 179 -6.01 -22.04 2.01
C ILE C 179 -5.50 -23.47 2.02
N ARG C 180 -6.28 -24.36 2.63
CA ARG C 180 -5.96 -25.79 2.67
C ARG C 180 -6.20 -26.41 1.29
N THR C 181 -5.09 -26.75 0.63
CA THR C 181 -5.05 -27.38 -0.65
C THR C 181 -3.80 -28.32 -0.64
N GLU C 182 -3.64 -29.02 -1.75
CA GLU C 182 -2.44 -29.84 -1.98
C GLU C 182 -1.17 -29.04 -1.84
N LEU C 183 -1.21 -27.74 -2.19
CA LEU C 183 -0.02 -26.92 -2.06
C LEU C 183 0.47 -26.83 -0.57
N THR C 184 -0.49 -26.69 0.33
CA THR C 184 -0.22 -26.39 1.73
C THR C 184 -0.51 -27.56 2.68
N GLU C 185 -0.94 -28.70 2.13
CA GLU C 185 -1.37 -29.85 2.92
C GLU C 185 -0.37 -30.31 3.96
N GLU C 186 0.91 -30.23 3.66
CA GLU C 186 2.01 -30.70 4.49
C GLU C 186 1.99 -29.94 5.83
N TYR C 187 1.48 -28.69 5.85
CA TYR C 187 1.53 -27.92 7.05
C TYR C 187 0.60 -28.48 8.15
N PHE C 188 -0.50 -29.09 7.76
CA PHE C 188 -1.60 -29.33 8.65
C PHE C 188 -1.40 -30.48 9.65
N SER C 189 -0.36 -31.25 9.46
CA SER C 189 -0.07 -32.31 10.41
C SER C 189 1.09 -31.87 11.34
N ASN C 190 1.61 -30.66 11.14
CA ASN C 190 2.56 -30.11 12.07
C ASN C 190 1.89 -29.11 13.00
N LYS C 191 1.74 -29.48 14.27
CA LYS C 191 0.97 -28.71 15.25
C LYS C 191 1.58 -27.38 15.56
N ALA C 192 2.90 -27.35 15.72
CA ALA C 192 3.67 -26.14 16.00
C ALA C 192 3.53 -25.12 14.89
N LEU C 193 3.68 -25.59 13.64
CA LEU C 193 3.50 -24.79 12.43
C LEU C 193 2.07 -24.23 12.42
N MET C 194 1.05 -25.03 12.67
CA MET C 194 -0.34 -24.59 12.69
C MET C 194 -0.62 -23.53 13.73
N SER C 195 0.08 -23.60 14.86
CA SER C 195 -0.04 -22.60 15.88
C SER C 195 0.52 -21.31 15.50
N MET C 196 1.70 -21.33 14.94
CA MET C 196 2.31 -20.14 14.44
C MET C 196 1.46 -19.50 13.32
N ILE C 197 0.89 -20.29 12.40
CA ILE C 197 0.02 -19.73 11.32
C ILE C 197 -1.11 -18.96 11.98
N LYS C 198 -1.81 -19.62 12.90
CA LYS C 198 -2.95 -19.03 13.54
C LYS C 198 -2.61 -17.79 14.39
N SER C 199 -1.44 -17.72 14.98
CA SER C 199 -1.15 -16.51 15.76
C SER C 199 -0.64 -15.38 14.84
N ASN C 200 -0.27 -15.70 13.60
CA ASN C 200 0.05 -14.70 12.60
C ASN C 200 -1.20 -14.13 11.84
N GLN C 201 -2.41 -14.43 12.27
CA GLN C 201 -3.60 -13.89 11.59
C GLN C 201 -4.65 -13.61 12.65
N SER C 202 -5.82 -13.16 12.26
CA SER C 202 -6.84 -12.78 13.21
C SER C 202 -7.80 -13.93 13.61
N LEU C 203 -8.15 -14.76 12.65
CA LEU C 203 -9.13 -15.79 12.80
C LEU C 203 -8.45 -17.10 13.09
N ASP C 204 -9.04 -17.80 14.06
CA ASP C 204 -8.60 -19.09 14.45
C ASP C 204 -9.09 -20.24 13.52
N THR C 205 -8.73 -20.20 12.23
CA THR C 205 -9.22 -21.15 11.23
C THR C 205 -8.29 -20.97 10.00
N TRP C 206 -8.60 -21.68 8.92
CA TRP C 206 -7.92 -21.50 7.70
C TRP C 206 -8.98 -21.54 6.64
N GLY C 207 -8.55 -21.07 5.47
CA GLY C 207 -9.41 -20.93 4.32
C GLY C 207 -9.47 -22.31 3.66
N LEU C 208 -10.54 -22.45 2.86
CA LEU C 208 -10.79 -23.63 2.03
C LEU C 208 -10.95 -23.13 0.59
N PRO C 209 -10.77 -24.02 -0.41
CA PRO C 209 -10.95 -23.60 -1.80
C PRO C 209 -12.23 -22.90 -2.03
N GLN C 210 -13.30 -23.36 -1.39
CA GLN C 210 -14.56 -22.64 -1.56
C GLN C 210 -14.56 -21.14 -1.16
N ASP C 211 -13.77 -20.77 -0.17
CA ASP C 211 -13.66 -19.32 0.14
C ASP C 211 -13.19 -18.51 -1.10
N ILE C 212 -12.28 -19.09 -1.89
CA ILE C 212 -11.74 -18.42 -3.02
C ILE C 212 -12.72 -18.52 -4.17
N VAL C 213 -13.36 -19.68 -4.31
CA VAL C 213 -14.38 -19.83 -5.37
C VAL C 213 -15.52 -18.82 -5.24
N SER C 214 -16.02 -18.59 -4.02
CA SER C 214 -17.10 -17.62 -3.85
C SER C 214 -16.68 -16.22 -4.18
N CYS C 215 -15.41 -15.89 -3.93
CA CYS C 215 -14.91 -14.59 -4.28
C CYS C 215 -14.83 -14.46 -5.81
N ILE C 216 -14.42 -15.56 -6.48
CA ILE C 216 -14.41 -15.57 -7.91
C ILE C 216 -15.80 -15.35 -8.44
N GLU C 217 -16.72 -16.11 -7.91
CA GLU C 217 -18.08 -15.96 -8.29
C GLU C 217 -18.62 -14.51 -8.21
N TYR C 218 -18.37 -13.82 -7.09
CA TYR C 218 -18.70 -12.44 -7.00
C TYR C 218 -18.03 -11.58 -8.09
N LEU C 219 -16.72 -11.77 -8.30
CA LEU C 219 -16.02 -10.86 -9.19
C LEU C 219 -16.37 -11.02 -10.68
N ILE C 220 -16.88 -12.20 -11.06
CA ILE C 220 -17.34 -12.39 -12.47
C ILE C 220 -18.82 -12.04 -12.58
N SER C 221 -19.52 -11.80 -11.48
CA SER C 221 -20.98 -11.50 -11.54
C SER C 221 -21.30 -10.12 -12.10
N ASP C 222 -22.55 -9.94 -12.45
CA ASP C 222 -23.03 -8.64 -12.88
C ASP C 222 -22.93 -7.59 -11.77
N GLN C 223 -22.99 -8.00 -10.51
CA GLN C 223 -22.81 -7.13 -9.37
C GLN C 223 -21.38 -6.57 -9.28
N ALA C 224 -20.44 -7.15 -10.03
CA ALA C 224 -19.07 -6.62 -10.12
C ALA C 224 -18.85 -5.66 -11.29
N ARG C 225 -19.93 -5.14 -11.88
CA ARG C 225 -19.80 -4.30 -13.02
C ARG C 225 -18.87 -3.12 -12.83
N PHE C 226 -18.73 -2.59 -11.62
CA PHE C 226 -17.87 -1.40 -11.41
C PHE C 226 -16.55 -1.75 -10.74
N ILE C 227 -16.22 -3.02 -10.72
CA ILE C 227 -15.00 -3.50 -10.09
C ILE C 227 -13.94 -3.82 -11.11
N THR C 228 -12.89 -3.00 -11.16
CA THR C 228 -11.73 -3.33 -11.99
C THR C 228 -10.48 -2.77 -11.40
N GLY C 229 -9.40 -3.51 -11.56
CA GLY C 229 -8.12 -3.16 -10.99
C GLY C 229 -8.00 -3.40 -9.48
N SER C 230 -8.95 -4.11 -8.87
CA SER C 230 -9.02 -4.27 -7.46
C SER C 230 -8.37 -5.60 -7.06
N ASN C 231 -7.84 -5.62 -5.83
CA ASN C 231 -7.26 -6.78 -5.24
C ASN C 231 -8.07 -7.13 -3.96
N PHE C 232 -8.73 -8.26 -3.98
CA PHE C 232 -9.54 -8.76 -2.89
C PHE C 232 -8.79 -9.74 -2.06
N VAL C 233 -8.51 -9.33 -0.82
CA VAL C 233 -7.75 -10.11 0.13
C VAL C 233 -8.69 -11.04 0.92
N ILE C 234 -8.40 -12.33 0.92
CA ILE C 234 -9.25 -13.29 1.60
C ILE C 234 -8.31 -14.13 2.48
N ASP C 235 -7.99 -13.63 3.68
CA ASP C 235 -6.81 -14.07 4.38
C ASP C 235 -6.94 -14.16 5.92
N GLY C 236 -8.17 -14.11 6.43
CA GLY C 236 -8.35 -14.37 7.85
C GLY C 236 -7.59 -13.37 8.71
N GLY C 237 -7.30 -12.19 8.15
CA GLY C 237 -6.52 -11.17 8.90
C GLY C 237 -5.04 -11.26 8.84
N GLN C 238 -4.49 -12.19 8.05
CA GLN C 238 -3.06 -12.39 8.04
C GLN C 238 -2.29 -11.08 7.73
N THR C 239 -2.80 -10.27 6.81
CA THR C 239 -2.14 -9.03 6.46
C THR C 239 -2.47 -7.82 7.36
N ALA C 240 -3.35 -7.94 8.34
CA ALA C 240 -3.78 -6.76 9.08
C ALA C 240 -2.62 -6.05 9.80
N GLY C 241 -1.66 -6.80 10.33
CA GLY C 241 -0.57 -6.19 11.04
C GLY C 241 0.19 -7.20 11.82
N LYS C 242 0.79 -6.79 12.95
CA LYS C 242 1.58 -7.71 13.70
C LYS C 242 1.11 -7.82 15.07
N ASN C 243 0.80 -9.01 15.47
CA ASN C 243 0.92 -9.47 16.86
C ASN C 243 0.19 -10.60 17.45
N LYS D 1 36.37 0.93 -0.14
CA LYS D 1 35.02 0.31 -0.44
C LYS D 1 34.76 0.22 -1.91
N ILE D 2 34.25 -0.94 -2.33
CA ILE D 2 33.94 -1.21 -3.72
C ILE D 2 32.42 -1.18 -3.95
N ILE D 3 32.02 -0.43 -4.96
CA ILE D 3 30.64 -0.39 -5.31
C ILE D 3 30.42 -0.88 -6.76
N MET D 4 29.49 -1.84 -6.95
CA MET D 4 29.07 -2.30 -8.27
C MET D 4 27.78 -1.65 -8.64
N ILE D 5 27.78 -0.97 -9.77
CA ILE D 5 26.72 -0.21 -10.28
C ILE D 5 26.36 -0.69 -11.67
N SER D 6 25.12 -1.17 -11.86
CA SER D 6 24.65 -1.49 -13.20
C SER D 6 24.03 -0.33 -13.84
N GLY D 7 23.88 -0.40 -15.16
CA GLY D 7 23.38 0.75 -15.89
C GLY D 7 24.32 1.94 -15.95
N ALA D 8 25.60 1.64 -15.81
CA ALA D 8 26.67 2.63 -15.69
C ALA D 8 26.93 3.54 -16.90
N ASN D 9 26.36 3.24 -18.04
CA ASN D 9 26.62 4.05 -19.26
C ASN D 9 25.73 5.21 -19.50
N SER D 10 24.58 5.29 -18.80
CA SER D 10 23.56 6.26 -19.09
C SER D 10 22.84 6.69 -17.75
N GLY D 11 22.19 7.84 -17.83
CA GLY D 11 21.24 8.36 -16.84
C GLY D 11 21.69 8.20 -15.41
N ILE D 12 20.91 7.43 -14.62
CA ILE D 12 21.18 7.35 -13.20
C ILE D 12 22.42 6.63 -12.81
N GLY D 13 22.61 5.46 -13.44
CA GLY D 13 23.79 4.70 -13.20
C GLY D 13 25.08 5.48 -13.54
N HIS D 14 25.05 6.20 -14.65
CA HIS D 14 26.25 7.03 -15.05
C HIS D 14 26.50 8.15 -14.07
N ALA D 15 25.42 8.81 -13.63
CA ALA D 15 25.60 9.82 -12.60
C ALA D 15 26.21 9.20 -11.36
N CYS D 16 25.88 7.92 -11.05
CA CYS D 16 26.46 7.27 -9.88
C CYS D 16 28.00 7.03 -10.00
N ILE D 17 28.39 6.49 -11.16
CA ILE D 17 29.82 6.28 -11.52
C ILE D 17 30.67 7.48 -11.22
N LYS D 18 30.26 8.60 -11.78
CA LYS D 18 30.99 9.89 -11.65
C LYS D 18 31.04 10.32 -10.20
N TYR D 19 29.86 10.38 -9.55
CA TYR D 19 29.75 10.79 -8.16
C TYR D 19 30.55 9.95 -7.22
N PHE D 20 30.45 8.63 -7.27
CA PHE D 20 31.15 7.79 -6.27
C PHE D 20 32.65 7.62 -6.56
N LEU D 21 33.07 7.76 -7.81
CA LEU D 21 34.52 7.89 -8.10
C LEU D 21 35.09 9.14 -7.41
N GLU D 22 34.44 10.29 -7.61
CA GLU D 22 34.80 11.53 -6.90
C GLU D 22 34.87 11.35 -5.41
N LYS D 23 34.13 10.39 -4.84
CA LYS D 23 34.19 10.13 -3.43
C LYS D 23 35.13 9.06 -3.05
N SER D 24 36.06 8.71 -3.94
CA SER D 24 37.06 7.70 -3.64
C SER D 24 36.61 6.26 -3.50
N PHE D 25 35.41 5.89 -4.02
CA PHE D 25 35.05 4.48 -4.03
C PHE D 25 35.79 3.90 -5.21
N HIS D 26 36.03 2.59 -5.12
CA HIS D 26 36.39 1.78 -6.29
C HIS D 26 35.10 1.25 -6.87
N VAL D 27 34.95 1.42 -8.18
CA VAL D 27 33.67 1.25 -8.86
C VAL D 27 33.83 0.17 -9.91
N ILE D 28 32.93 -0.84 -9.84
CA ILE D 28 32.71 -1.81 -10.89
C ILE D 28 31.44 -1.41 -11.65
N ALA D 29 31.63 -0.96 -12.87
CA ALA D 29 30.58 -0.49 -13.72
C ALA D 29 30.11 -1.56 -14.70
N LEU D 30 28.79 -1.83 -14.73
CA LEU D 30 28.21 -2.80 -15.65
C LEU D 30 27.20 -2.22 -16.53
N ASP D 31 27.30 -2.52 -17.84
CA ASP D 31 26.35 -2.03 -18.82
C ASP D 31 26.59 -2.79 -20.13
N ILE D 32 25.55 -2.91 -20.95
CA ILE D 32 25.64 -3.48 -22.26
C ILE D 32 26.41 -2.59 -23.24
N ASN D 33 26.41 -1.28 -23.03
CA ASN D 33 27.14 -0.30 -23.83
C ASN D 33 28.23 0.29 -22.97
N ASN D 34 29.19 0.91 -23.63
CA ASN D 34 30.30 1.51 -22.93
C ASN D 34 30.83 2.84 -23.49
N ASN D 35 30.13 3.44 -24.46
CA ASN D 35 30.71 4.60 -25.14
C ASN D 35 30.83 5.77 -24.21
N ASN D 36 29.96 5.90 -23.20
CA ASN D 36 30.10 7.02 -22.28
C ASN D 36 31.10 6.78 -21.20
N LEU D 37 31.60 5.57 -21.11
CA LEU D 37 32.52 5.22 -20.05
C LEU D 37 34.02 5.13 -20.53
N ILE D 38 34.24 5.26 -21.85
CA ILE D 38 35.58 5.14 -22.49
C ILE D 38 36.54 6.17 -21.93
N ASP D 39 36.12 7.42 -21.94
CA ASP D 39 36.92 8.53 -21.36
C ASP D 39 37.44 8.24 -19.95
N TYR D 40 36.56 7.72 -19.08
CA TYR D 40 36.88 7.43 -17.69
C TYR D 40 37.98 6.37 -17.58
N MET D 41 37.87 5.30 -18.38
CA MET D 41 38.91 4.26 -18.43
C MET D 41 40.28 4.81 -18.86
N LYS D 42 40.31 5.87 -19.70
CA LYS D 42 41.56 6.58 -20.09
C LYS D 42 42.32 7.15 -18.89
N THR D 43 41.61 7.65 -17.87
CA THR D 43 42.26 8.10 -16.63
C THR D 43 42.66 6.86 -15.87
N ASP D 44 43.43 6.93 -14.79
CA ASP D 44 43.56 5.69 -13.96
C ASP D 44 42.87 5.84 -12.57
N MET D 45 41.64 6.31 -12.64
CA MET D 45 40.68 6.15 -11.54
C MET D 45 40.37 4.69 -11.21
N PRO D 46 40.03 4.39 -9.95
CA PRO D 46 39.82 2.95 -9.68
C PRO D 46 38.40 2.48 -10.14
N LEU D 47 38.26 2.31 -11.46
CA LEU D 47 37.03 1.99 -12.18
C LEU D 47 37.23 0.76 -13.05
N LYS D 48 36.57 -0.35 -12.76
CA LYS D 48 36.51 -1.47 -13.68
C LYS D 48 35.24 -1.36 -14.52
N VAL D 49 35.37 -1.38 -15.85
CA VAL D 49 34.24 -1.35 -16.74
C VAL D 49 34.02 -2.71 -17.35
N VAL D 50 32.78 -3.20 -17.27
CA VAL D 50 32.45 -4.55 -17.82
C VAL D 50 31.35 -4.37 -18.84
N GLN D 51 31.54 -4.93 -20.04
CA GLN D 51 30.48 -4.87 -21.05
C GLN D 51 29.74 -6.19 -20.90
N ILE D 52 28.44 -6.15 -20.58
CA ILE D 52 27.70 -7.37 -20.23
C ILE D 52 26.25 -7.07 -20.52
N ASP D 53 25.61 -8.05 -21.15
CA ASP D 53 24.20 -8.05 -21.42
C ASP D 53 23.60 -8.77 -20.18
N LEU D 54 23.06 -7.98 -19.27
CA LEU D 54 22.56 -8.55 -18.01
C LEU D 54 21.31 -9.42 -18.19
N SER D 55 20.73 -9.50 -19.39
CA SER D 55 19.71 -10.55 -19.72
C SER D 55 20.25 -11.91 -19.87
N ASN D 56 21.57 -12.03 -19.90
CA ASN D 56 22.18 -13.33 -20.13
C ASN D 56 22.73 -13.82 -18.85
N SER D 57 22.07 -14.79 -18.24
CA SER D 57 22.51 -15.20 -16.95
C SER D 57 23.90 -15.82 -16.91
N GLU D 58 24.31 -16.50 -17.97
CA GLU D 58 25.68 -17.06 -17.98
C GLU D 58 26.71 -16.00 -17.96
N ALA D 59 26.50 -14.89 -18.66
CA ALA D 59 27.41 -13.77 -18.62
C ALA D 59 27.51 -13.24 -17.21
N ILE D 60 26.38 -13.24 -16.45
CA ILE D 60 26.52 -12.85 -15.03
C ILE D 60 27.43 -13.82 -14.26
N HIS D 61 27.25 -15.12 -14.46
CA HIS D 61 28.08 -16.09 -13.75
C HIS D 61 29.59 -15.91 -14.17
N ASN D 62 29.88 -15.57 -15.42
CA ASN D 62 31.31 -15.40 -15.87
C ASN D 62 31.90 -14.15 -15.18
N LEU D 63 31.09 -13.08 -15.13
CA LEU D 63 31.48 -11.89 -14.34
C LEU D 63 31.92 -12.30 -12.95
N PHE D 64 31.11 -13.04 -12.21
CA PHE D 64 31.49 -13.37 -10.88
C PHE D 64 32.75 -14.27 -10.77
N THR D 65 32.83 -15.31 -11.59
CA THR D 65 34.11 -16.05 -11.77
C THR D 65 35.35 -15.11 -11.89
N GLN D 66 35.28 -14.13 -12.81
CA GLN D 66 36.38 -13.23 -13.06
C GLN D 66 36.63 -12.32 -11.83
N LEU D 67 35.57 -11.82 -11.15
CA LEU D 67 35.80 -11.01 -9.95
C LEU D 67 36.40 -11.76 -8.78
N ASP D 68 35.93 -12.97 -8.60
CA ASP D 68 36.47 -13.88 -7.62
C ASP D 68 38.04 -14.08 -7.90
N LEU D 69 38.42 -14.27 -9.15
CA LEU D 69 39.87 -14.43 -9.51
C LEU D 69 40.61 -13.17 -9.24
N GLU D 70 40.04 -12.01 -9.59
CA GLU D 70 40.65 -10.73 -9.24
C GLU D 70 40.51 -10.39 -7.78
N LYS D 71 39.91 -11.27 -6.96
CA LYS D 71 39.47 -10.92 -5.59
C LYS D 71 38.79 -9.56 -5.39
N LEU D 72 37.91 -9.16 -6.31
CA LEU D 72 37.11 -7.97 -6.13
C LEU D 72 35.62 -8.36 -5.81
N SER D 73 35.25 -8.55 -4.57
CA SER D 73 33.80 -8.63 -4.18
C SER D 73 33.27 -7.24 -3.86
N PRO D 74 32.18 -6.79 -4.50
CA PRO D 74 31.71 -5.45 -4.07
C PRO D 74 31.12 -5.44 -2.67
N ASP D 75 31.23 -4.30 -2.03
CA ASP D 75 30.67 -4.04 -0.70
C ASP D 75 29.20 -3.54 -0.81
N ILE D 76 28.89 -2.94 -1.92
CA ILE D 76 27.61 -2.30 -2.22
C ILE D 76 27.21 -2.58 -3.68
N LEU D 77 25.92 -2.86 -3.90
CA LEU D 77 25.41 -3.13 -5.22
C LEU D 77 24.25 -2.20 -5.48
N ILE D 78 24.31 -1.48 -6.59
CA ILE D 78 23.27 -0.62 -7.07
C ILE D 78 22.74 -1.19 -8.37
N ASN D 79 21.50 -1.74 -8.33
CA ASN D 79 20.83 -2.30 -9.51
C ASN D 79 20.06 -1.25 -10.18
N ALA D 80 20.69 -0.60 -11.15
CA ALA D 80 20.02 0.47 -11.93
C ALA D 80 19.76 0.19 -13.39
N ALA D 81 20.48 -0.79 -13.96
CA ALA D 81 20.22 -1.12 -15.37
C ALA D 81 18.74 -1.44 -15.50
N GLY D 82 18.09 -0.86 -16.49
CA GLY D 82 16.71 -1.19 -16.80
C GLY D 82 16.29 -0.78 -18.19
N ILE D 83 15.17 -1.32 -18.64
CA ILE D 83 14.50 -0.92 -19.86
C ILE D 83 13.04 -0.71 -19.65
N ARG D 84 12.45 0.06 -20.54
CA ARG D 84 11.00 0.28 -20.53
C ARG D 84 10.43 0.24 -21.94
N GLU D 85 9.46 -0.63 -22.18
CA GLU D 85 8.67 -0.64 -23.40
C GLU D 85 7.65 0.45 -23.37
N ILE D 86 7.29 1.01 -24.54
CA ILE D 86 6.08 1.81 -24.62
C ILE D 86 5.30 1.14 -25.70
N THR D 87 4.48 0.17 -25.33
CA THR D 87 3.79 -0.58 -26.35
C THR D 87 2.41 -1.01 -25.90
N PRO D 88 1.39 -0.77 -26.76
CA PRO D 88 0.07 -1.26 -26.41
C PRO D 88 0.15 -2.73 -26.08
N VAL D 89 -0.51 -3.14 -25.00
CA VAL D 89 -0.28 -4.46 -24.48
C VAL D 89 -0.69 -5.56 -25.51
N LEU D 90 -1.72 -5.33 -26.33
CA LEU D 90 -2.06 -6.31 -27.37
C LEU D 90 -0.88 -6.51 -28.36
N HIS D 91 0.01 -5.54 -28.48
CA HIS D 91 1.15 -5.66 -29.38
C HIS D 91 2.37 -5.99 -28.64
N LEU D 92 2.29 -6.34 -27.35
CA LEU D 92 3.51 -6.65 -26.61
C LEU D 92 3.78 -8.12 -26.74
N SER D 93 4.96 -8.45 -27.27
CA SER D 93 5.25 -9.86 -27.61
C SER D 93 5.66 -10.64 -26.38
N ASP D 94 5.58 -11.97 -26.45
CA ASP D 94 6.05 -12.83 -25.42
C ASP D 94 7.49 -12.54 -25.12
N ASP D 95 8.31 -12.47 -26.16
CA ASP D 95 9.74 -12.27 -25.90
C ASP D 95 10.07 -10.91 -25.28
N MET D 96 9.37 -9.86 -25.69
CA MET D 96 9.68 -8.56 -25.17
C MET D 96 9.23 -8.46 -23.67
N PHE D 97 8.10 -9.05 -23.34
CA PHE D 97 7.67 -9.12 -21.94
C PHE D 97 8.73 -9.81 -21.12
N LYS D 98 9.21 -10.98 -21.62
CA LYS D 98 10.28 -11.70 -20.90
C LYS D 98 11.60 -10.98 -20.83
N LYS D 99 11.94 -10.26 -21.87
CA LYS D 99 13.13 -9.46 -21.88
C LYS D 99 13.15 -8.36 -20.75
N VAL D 100 12.07 -7.62 -20.67
CA VAL D 100 11.89 -6.58 -19.65
C VAL D 100 11.99 -7.22 -18.24
N ILE D 101 11.37 -8.37 -18.06
CA ILE D 101 11.49 -9.15 -16.84
C ILE D 101 12.90 -9.60 -16.55
N ASP D 102 13.61 -10.07 -17.59
CA ASP D 102 14.96 -10.53 -17.37
C ASP D 102 15.96 -9.45 -17.00
N VAL D 103 15.80 -8.29 -17.56
CA VAL D 103 16.64 -7.16 -17.28
C VAL D 103 16.21 -6.50 -15.96
N ASN D 104 14.93 -6.27 -15.77
CA ASN D 104 14.46 -5.38 -14.64
C ASN D 104 14.28 -6.10 -13.30
N LEU D 105 14.06 -7.42 -13.35
CA LEU D 105 13.89 -8.25 -12.21
C LEU D 105 14.93 -9.33 -12.08
N VAL D 106 15.12 -10.16 -13.09
CA VAL D 106 15.96 -11.33 -12.92
C VAL D 106 17.42 -10.96 -12.70
N ALA D 107 17.89 -9.95 -13.42
CA ALA D 107 19.28 -9.53 -13.22
C ALA D 107 19.50 -8.96 -11.80
N PRO D 108 18.62 -8.04 -11.34
CA PRO D 108 18.75 -7.67 -9.92
C PRO D 108 18.76 -8.82 -9.02
N PHE D 109 17.91 -9.83 -9.28
CA PHE D 109 17.92 -11.00 -8.43
C PHE D 109 19.26 -11.77 -8.41
N ILE D 110 19.77 -12.05 -9.59
CA ILE D 110 21.05 -12.82 -9.67
C ILE D 110 22.22 -12.05 -9.07
N LEU D 111 22.36 -10.77 -9.45
CA LEU D 111 23.39 -9.94 -8.90
C LEU D 111 23.33 -9.91 -7.41
N SER D 112 22.10 -9.76 -6.89
CA SER D 112 21.90 -9.67 -5.45
C SER D 112 22.28 -10.99 -4.77
N ARG D 113 21.81 -12.11 -5.29
CA ARG D 113 22.13 -13.37 -4.69
C ARG D 113 23.65 -13.59 -4.62
N GLU D 114 24.33 -13.26 -5.71
CA GLU D 114 25.80 -13.51 -5.81
C GLU D 114 26.57 -12.62 -4.83
N VAL D 115 26.23 -11.33 -4.72
CA VAL D 115 26.90 -10.48 -3.74
C VAL D 115 26.61 -10.90 -2.34
N ALA D 116 25.35 -11.31 -2.09
CA ALA D 116 24.99 -11.77 -0.78
C ALA D 116 25.71 -13.06 -0.37
N LYS D 117 25.85 -13.95 -1.35
CA LYS D 117 26.59 -15.18 -1.08
C LYS D 117 27.99 -14.87 -0.54
N ARG D 118 28.66 -13.94 -1.19
CA ARG D 118 30.03 -13.61 -0.76
C ARG D 118 30.10 -12.82 0.58
N TRP D 119 29.14 -11.90 0.81
CA TRP D 119 29.00 -11.25 2.11
C TRP D 119 28.75 -12.25 3.21
N CYS D 120 27.89 -13.24 2.96
CA CYS D 120 27.64 -14.21 4.04
C CYS D 120 28.85 -15.14 4.27
N GLU D 121 29.52 -15.55 3.21
CA GLU D 121 30.73 -16.39 3.36
C GLU D 121 31.81 -15.61 4.14
N SER D 122 32.10 -14.37 3.74
CA SER D 122 33.10 -13.52 4.43
C SER D 122 32.61 -12.89 5.73
N LYS D 123 31.37 -13.13 6.14
CA LYS D 123 30.77 -12.53 7.33
C LYS D 123 31.03 -11.03 7.37
N ILE D 124 30.75 -10.34 6.26
CA ILE D 124 30.89 -8.93 6.02
C ILE D 124 29.43 -8.35 5.84
N LYS D 125 29.23 -7.10 6.23
CA LYS D 125 27.92 -6.47 6.03
C LYS D 125 27.88 -6.17 4.53
N GLY D 126 26.71 -5.92 4.01
CA GLY D 126 26.58 -5.61 2.61
C GLY D 126 25.37 -4.71 2.52
N CYS D 127 25.29 -4.04 1.41
CA CYS D 127 24.22 -3.12 1.14
C CYS D 127 23.79 -3.18 -0.28
N ILE D 128 22.49 -3.45 -0.51
CA ILE D 128 21.92 -3.37 -1.88
C ILE D 128 20.88 -2.27 -2.01
N VAL D 129 20.92 -1.55 -3.11
CA VAL D 129 19.92 -0.55 -3.51
C VAL D 129 19.39 -0.93 -4.89
N ASN D 130 18.07 -1.12 -4.96
CA ASN D 130 17.34 -1.49 -6.18
C ASN D 130 16.63 -0.32 -6.68
N ILE D 131 16.82 0.05 -7.96
CA ILE D 131 16.10 1.15 -8.54
C ILE D 131 14.83 0.59 -9.17
N ALA D 132 13.73 0.82 -8.44
CA ALA D 132 12.41 0.41 -8.87
C ALA D 132 11.81 1.56 -9.61
N SER D 133 10.61 2.07 -9.25
CA SER D 133 9.92 3.09 -9.93
C SER D 133 8.58 3.30 -9.27
N VAL D 134 8.00 4.48 -9.45
CA VAL D 134 6.57 4.67 -9.12
C VAL D 134 5.66 3.64 -9.84
N SER D 135 6.04 3.13 -11.04
CA SER D 135 5.31 2.05 -11.74
C SER D 135 5.45 0.71 -11.02
N GLY D 136 6.22 0.69 -9.94
CA GLY D 136 6.20 -0.35 -8.96
C GLY D 136 5.08 -0.29 -7.91
N LEU D 137 4.36 0.83 -7.87
CA LEU D 137 3.29 1.07 -6.89
C LEU D 137 1.96 1.33 -7.57
N MET D 138 1.98 1.67 -8.86
CA MET D 138 0.76 1.91 -9.56
C MET D 138 1.00 1.62 -11.06
N ALA D 139 -0.08 1.56 -11.78
CA ALA D 139 -0.05 1.29 -13.22
C ALA D 139 0.04 2.50 -14.09
N LYS D 140 0.47 2.27 -15.34
CA LYS D 140 0.52 3.29 -16.36
C LYS D 140 0.20 2.57 -17.69
N PRO D 141 -0.33 3.29 -18.67
CA PRO D 141 -0.68 2.59 -19.93
C PRO D 141 0.54 2.14 -20.73
N GLU D 142 0.31 1.13 -21.58
CA GLU D 142 1.35 0.67 -22.52
C GLU D 142 2.62 0.17 -21.86
N ARG D 143 2.48 -0.35 -20.63
CA ARG D 143 3.65 -0.67 -19.83
C ARG D 143 3.44 -1.92 -19.01
N ALA D 144 2.77 -2.93 -19.58
CA ALA D 144 2.51 -4.13 -18.81
C ALA D 144 3.73 -4.80 -18.23
N ALA D 145 4.78 -4.95 -19.03
CA ALA D 145 5.97 -5.61 -18.57
C ALA D 145 6.70 -4.72 -17.60
N TYR D 146 6.79 -3.45 -17.91
CA TYR D 146 7.57 -2.55 -17.07
C TYR D 146 6.91 -2.46 -15.62
N VAL D 147 5.59 -2.28 -15.60
CA VAL D 147 4.81 -2.22 -14.29
C VAL D 147 4.94 -3.52 -13.56
N ALA D 148 4.75 -4.67 -14.26
CA ALA D 148 5.01 -5.92 -13.62
C ALA D 148 6.38 -6.08 -12.97
N SER D 149 7.41 -5.79 -13.74
CA SER D 149 8.79 -5.95 -13.34
C SER D 149 9.13 -5.04 -12.14
N LYS D 150 8.61 -3.82 -12.12
CA LYS D 150 8.92 -2.87 -11.05
C LYS D 150 8.14 -3.22 -9.77
N HIS D 151 6.88 -3.66 -9.90
CA HIS D 151 6.17 -4.25 -8.73
C HIS D 151 6.95 -5.45 -8.16
N ALA D 152 7.44 -6.30 -9.08
CA ALA D 152 8.22 -7.44 -8.65
C ALA D 152 9.48 -7.04 -7.91
N LEU D 153 10.15 -6.04 -8.41
CA LEU D 153 11.39 -5.62 -7.78
C LEU D 153 11.16 -5.03 -6.34
N ILE D 154 10.06 -4.28 -6.19
CA ILE D 154 9.67 -3.88 -4.84
C ILE D 154 9.48 -5.09 -3.90
N GLY D 155 8.72 -6.11 -4.33
CA GLY D 155 8.57 -7.29 -3.52
C GLY D 155 9.88 -8.04 -3.24
N LEU D 156 10.74 -8.10 -4.26
CA LEU D 156 12.03 -8.78 -4.12
C LEU D 156 12.91 -8.05 -3.08
N THR D 157 12.85 -6.72 -3.09
CA THR D 157 13.57 -5.93 -2.11
C THR D 157 13.15 -6.33 -0.69
N LYS D 158 11.86 -6.38 -0.44
CA LYS D 158 11.34 -6.66 0.88
C LYS D 158 11.77 -8.09 1.30
N GLN D 159 11.67 -9.01 0.35
CA GLN D 159 11.92 -10.42 0.65
C GLN D 159 13.42 -10.64 1.03
N MET D 160 14.30 -10.09 0.22
CA MET D 160 15.74 -10.23 0.43
C MET D 160 16.20 -9.48 1.69
N ALA D 161 15.58 -8.37 1.99
CA ALA D 161 15.79 -7.71 3.26
C ALA D 161 15.45 -8.62 4.39
N MET D 162 14.34 -9.31 4.28
CA MET D 162 13.98 -10.27 5.35
C MET D 162 14.94 -11.45 5.38
N GLU D 163 15.27 -11.93 4.20
CA GLU D 163 16.13 -13.13 4.10
C GLU D 163 17.54 -12.92 4.71
N PHE D 164 18.15 -11.76 4.55
CA PHE D 164 19.53 -11.52 4.92
C PHE D 164 19.69 -10.55 6.10
N GLY D 165 18.61 -10.21 6.77
CA GLY D 165 18.66 -9.20 7.82
C GLY D 165 19.51 -9.69 9.02
N LYS D 166 19.46 -10.96 9.34
CA LYS D 166 20.27 -11.52 10.44
C LYS D 166 21.80 -11.48 10.12
N GLN D 167 22.16 -11.42 8.84
CA GLN D 167 23.52 -11.25 8.39
C GLN D 167 23.90 -9.80 8.20
N ASN D 168 23.03 -8.87 8.65
CA ASN D 168 23.28 -7.45 8.46
C ASN D 168 23.58 -7.00 7.05
N ILE D 169 22.80 -7.55 6.13
CA ILE D 169 22.82 -7.11 4.75
C ILE D 169 21.56 -6.33 4.53
N ARG D 170 21.67 -5.05 4.24
CA ARG D 170 20.48 -4.23 4.09
C ARG D 170 20.10 -4.18 2.61
N VAL D 171 18.81 -4.26 2.31
CA VAL D 171 18.31 -4.23 0.93
C VAL D 171 17.15 -3.23 0.89
N ASN D 172 17.27 -2.20 0.06
CA ASN D 172 16.24 -1.17 -0.06
C ASN D 172 16.02 -0.85 -1.50
N SER D 173 14.93 -0.16 -1.77
CA SER D 173 14.64 0.30 -3.09
C SER D 173 14.36 1.79 -3.13
N ILE D 174 14.56 2.37 -4.30
CA ILE D 174 14.22 3.73 -4.61
C ILE D 174 13.25 3.71 -5.74
N SER D 175 12.16 4.47 -5.64
CA SER D 175 11.14 4.57 -6.67
C SER D 175 11.08 5.98 -7.23
N PRO D 176 11.85 6.27 -8.32
CA PRO D 176 11.79 7.59 -8.92
C PRO D 176 10.50 7.86 -9.61
N GLY D 177 10.15 9.10 -9.61
CA GLY D 177 9.18 9.61 -10.55
C GLY D 177 9.98 10.08 -11.80
N VAL D 178 9.57 11.15 -12.43
CA VAL D 178 10.13 11.53 -13.77
C VAL D 178 11.47 12.13 -13.55
N ILE D 179 12.50 11.40 -13.94
CA ILE D 179 13.89 11.87 -13.90
C ILE D 179 14.35 12.12 -15.40
N ARG D 180 14.89 13.30 -15.70
CA ARG D 180 15.38 13.62 -17.07
C ARG D 180 16.66 12.88 -17.27
N THR D 181 16.60 11.86 -18.12
CA THR D 181 17.75 11.03 -18.49
C THR D 181 17.56 10.67 -19.99
N GLU D 182 18.49 9.90 -20.53
CA GLU D 182 18.36 9.43 -21.92
C GLU D 182 17.10 8.59 -22.06
N LEU D 183 16.60 7.94 -20.99
CA LEU D 183 15.36 7.17 -21.13
C LEU D 183 14.17 8.04 -21.46
N THR D 184 14.14 9.20 -20.84
CA THR D 184 12.98 10.07 -20.88
C THR D 184 13.22 11.32 -21.72
N GLU D 185 14.44 11.52 -22.19
CA GLU D 185 14.82 12.78 -22.91
C GLU D 185 13.81 13.24 -23.99
N GLU D 186 13.25 12.29 -24.71
CA GLU D 186 12.27 12.50 -25.78
C GLU D 186 11.10 13.33 -25.27
N TYR D 187 10.71 13.20 -23.99
CA TYR D 187 9.52 13.95 -23.52
C TYR D 187 9.72 15.45 -23.48
N PHE D 188 10.94 15.88 -23.19
CA PHE D 188 11.17 17.26 -22.77
C PHE D 188 11.03 18.33 -23.87
N SER D 189 10.98 17.92 -25.14
CA SER D 189 10.72 18.87 -26.24
C SER D 189 9.26 18.79 -26.66
N ASN D 190 8.42 18.13 -25.89
CA ASN D 190 7.03 18.06 -26.22
C ASN D 190 6.19 18.81 -25.13
N LYS D 191 5.72 19.98 -25.56
CA LYS D 191 5.12 21.01 -24.74
C LYS D 191 3.92 20.45 -24.03
N ALA D 192 3.09 19.79 -24.81
CA ALA D 192 1.87 19.22 -24.30
C ALA D 192 2.11 18.08 -23.28
N LEU D 193 3.07 17.20 -23.59
CA LEU D 193 3.38 16.05 -22.73
C LEU D 193 4.04 16.54 -21.44
N MET D 194 4.90 17.53 -21.50
CA MET D 194 5.41 18.16 -20.27
C MET D 194 4.35 18.75 -19.38
N SER D 195 3.30 19.27 -19.98
CA SER D 195 2.28 19.91 -19.26
C SER D 195 1.42 18.86 -18.60
N MET D 196 1.17 17.75 -19.29
CA MET D 196 0.48 16.60 -18.69
C MET D 196 1.30 15.99 -17.49
N ILE D 197 2.63 15.85 -17.65
CA ILE D 197 3.51 15.33 -16.62
C ILE D 197 3.36 16.23 -15.36
N LYS D 198 3.46 17.56 -15.53
CA LYS D 198 3.35 18.49 -14.36
C LYS D 198 2.02 18.49 -13.70
N SER D 199 1.00 18.36 -14.50
CA SER D 199 -0.33 18.15 -13.99
C SER D 199 -0.55 16.91 -13.14
N ASN D 200 0.12 15.84 -13.49
CA ASN D 200 0.11 14.59 -12.73
C ASN D 200 0.98 14.54 -11.46
N GLN D 201 1.56 15.64 -10.97
CA GLN D 201 2.38 15.54 -9.74
C GLN D 201 2.24 16.84 -9.01
N SER D 202 2.90 17.04 -7.88
CA SER D 202 2.59 18.21 -7.08
C SER D 202 3.60 19.34 -7.41
N LEU D 203 4.87 19.01 -7.68
CA LEU D 203 5.88 20.03 -7.92
C LEU D 203 6.00 20.30 -9.46
N ASP D 204 6.14 21.58 -9.81
CA ASP D 204 6.25 22.07 -11.23
C ASP D 204 7.71 22.01 -11.62
N THR D 205 8.29 20.82 -11.62
CA THR D 205 9.68 20.58 -11.99
C THR D 205 9.78 19.11 -12.35
N TRP D 206 11.00 18.68 -12.58
CA TRP D 206 11.30 17.25 -12.78
C TRP D 206 12.53 16.94 -12.04
N GLY D 207 12.76 15.64 -11.84
CA GLY D 207 13.97 15.21 -11.24
C GLY D 207 15.12 15.15 -12.23
N LEU D 208 16.29 15.10 -11.65
CA LEU D 208 17.57 14.91 -12.28
C LEU D 208 18.24 13.73 -11.67
N PRO D 209 19.26 13.18 -12.37
CA PRO D 209 19.92 12.05 -11.83
C PRO D 209 20.49 12.28 -10.43
N GLN D 210 20.96 13.50 -10.17
CA GLN D 210 21.56 13.81 -8.87
C GLN D 210 20.54 13.55 -7.67
N ASP D 211 19.26 13.76 -7.95
CA ASP D 211 18.22 13.53 -6.94
C ASP D 211 18.21 12.07 -6.52
N ILE D 212 18.52 11.14 -7.45
CA ILE D 212 18.50 9.73 -7.15
C ILE D 212 19.83 9.38 -6.57
N VAL D 213 20.93 10.00 -7.08
CA VAL D 213 22.23 9.70 -6.49
C VAL D 213 22.26 10.04 -4.99
N SER D 214 21.69 11.20 -4.67
CA SER D 214 21.73 11.67 -3.28
C SER D 214 20.97 10.70 -2.35
N CYS D 215 19.91 10.12 -2.92
CA CYS D 215 19.12 9.11 -2.17
C CYS D 215 19.93 7.85 -1.96
N ILE D 216 20.67 7.43 -2.99
CA ILE D 216 21.58 6.33 -2.84
C ILE D 216 22.59 6.59 -1.81
N GLU D 217 23.18 7.78 -1.90
CA GLU D 217 24.21 8.17 -0.92
C GLU D 217 23.73 8.00 0.55
N TYR D 218 22.53 8.43 0.78
CA TYR D 218 21.91 8.27 2.16
C TYR D 218 21.71 6.77 2.49
N LEU D 219 21.09 6.03 1.56
CA LEU D 219 20.85 4.60 1.79
C LEU D 219 22.07 3.74 2.02
N ILE D 220 23.22 4.13 1.49
CA ILE D 220 24.44 3.34 1.73
C ILE D 220 25.28 3.86 2.94
N SER D 221 24.93 5.00 3.51
CA SER D 221 25.67 5.61 4.62
C SER D 221 25.44 4.90 5.94
N ASP D 222 26.28 5.25 6.90
CA ASP D 222 26.16 4.73 8.27
C ASP D 222 24.84 5.23 8.91
N GLN D 223 24.36 6.38 8.48
CA GLN D 223 23.07 6.93 8.97
C GLN D 223 21.85 6.08 8.54
N ALA D 224 22.06 5.18 7.57
CA ALA D 224 21.07 4.22 7.15
C ALA D 224 21.14 2.84 7.83
N ARG D 225 21.92 2.69 8.93
CA ARG D 225 22.07 1.42 9.68
C ARG D 225 20.77 0.70 10.01
N PHE D 226 19.69 1.44 10.25
CA PHE D 226 18.41 0.82 10.63
C PHE D 226 17.37 0.69 9.50
N ILE D 227 17.79 0.93 8.26
CA ILE D 227 16.89 1.01 7.10
C ILE D 227 17.10 -0.24 6.28
N THR D 228 16.05 -1.07 6.20
CA THR D 228 16.08 -2.25 5.31
C THR D 228 14.68 -2.59 4.99
N GLY D 229 14.50 -3.03 3.75
CA GLY D 229 13.19 -3.37 3.22
C GLY D 229 12.36 -2.18 2.83
N SER D 230 12.91 -0.99 2.87
CA SER D 230 12.16 0.20 2.63
C SER D 230 12.21 0.60 1.15
N ASN D 231 11.22 1.38 0.77
CA ASN D 231 11.08 1.89 -0.58
C ASN D 231 10.95 3.39 -0.47
N PHE D 232 11.96 4.09 -0.95
CA PHE D 232 12.01 5.57 -0.94
C PHE D 232 11.55 6.12 -2.26
N VAL D 233 10.46 6.84 -2.20
CA VAL D 233 9.85 7.46 -3.35
C VAL D 233 10.40 8.87 -3.53
N ILE D 234 10.87 9.17 -4.73
CA ILE D 234 11.49 10.49 -5.04
C ILE D 234 10.82 10.94 -6.32
N ASP D 235 9.62 11.54 -6.22
CA ASP D 235 8.71 11.64 -7.36
C ASP D 235 7.95 12.93 -7.52
N GLY D 236 8.34 13.97 -6.78
CA GLY D 236 7.62 15.28 -6.97
C GLY D 236 6.15 15.22 -6.70
N GLY D 237 5.68 14.21 -5.93
CA GLY D 237 4.25 14.07 -5.61
C GLY D 237 3.44 13.24 -6.59
N GLN D 238 4.09 12.64 -7.58
CA GLN D 238 3.37 11.93 -8.63
C GLN D 238 2.46 10.87 -8.02
N THR D 239 2.91 10.22 -6.96
CA THR D 239 2.03 9.15 -6.36
C THR D 239 1.01 9.60 -5.30
N ALA D 240 0.97 10.89 -4.97
CA ALA D 240 0.15 11.35 -3.83
C ALA D 240 -1.32 11.12 -3.98
N GLY D 241 -1.82 11.25 -5.19
CA GLY D 241 -3.20 11.01 -5.51
C GLY D 241 -3.60 11.62 -6.87
N LYS D 242 -4.85 12.05 -6.97
CA LYS D 242 -5.35 12.58 -8.26
C LYS D 242 -6.01 13.91 -8.06
N ASN D 243 -5.66 14.80 -8.98
CA ASN D 243 -6.09 16.19 -9.01
C ASN D 243 -6.80 16.54 -10.29
PA NAD E . 8.33 10.54 23.57
O1A NAD E . 7.12 10.22 24.44
O2A NAD E . 9.66 10.23 24.07
O5B NAD E . 8.09 12.04 23.16
C5B NAD E . 6.90 12.60 22.68
C4B NAD E . 6.88 14.02 23.21
O4B NAD E . 5.66 14.53 22.70
C3B NAD E . 6.89 14.14 24.72
O3B NAD E . 7.84 15.10 25.30
C2B NAD E . 5.43 14.57 24.89
O2B NAD E . 5.31 15.25 26.18
C1B NAD E . 5.04 15.34 23.60
N9A NAD E . 3.63 15.48 23.62
C8A NAD E . 2.74 14.43 23.80
N7A NAD E . 1.49 14.92 23.86
C5A NAD E . 1.56 16.27 23.79
C6A NAD E . 0.66 17.35 23.95
N6A NAD E . -0.65 17.14 24.19
N1A NAD E . 1.12 18.59 23.76
C2A NAD E . 2.45 18.86 23.56
N3A NAD E . 3.36 17.94 23.55
C4A NAD E . 2.95 16.64 23.64
O3 NAD E . 7.97 9.72 22.21
PN NAD E . 8.90 9.56 20.91
O1N NAD E . 9.42 8.19 20.84
O2N NAD E . 9.93 10.69 20.81
O5D NAD E . 7.85 9.71 19.76
C5D NAD E . 7.75 10.85 18.90
C4D NAD E . 6.82 10.54 17.68
O4D NAD E . 7.44 9.39 17.10
C3D NAD E . 5.41 10.20 18.13
O3D NAD E . 4.43 10.77 17.26
C2D NAD E . 5.43 8.67 18.12
O2D NAD E . 4.08 8.15 17.94
C1D NAD E . 6.34 8.42 16.94
N1N NAD E . 6.83 7.05 16.92
C2N NAD E . 7.66 6.55 17.92
C3N NAD E . 8.14 5.25 17.85
C7N NAD E . 9.07 4.73 18.86
O7N NAD E . 9.38 3.53 18.76
N7N NAD E . 9.70 5.55 19.78
C4N NAD E . 7.72 4.44 16.76
C5N NAD E . 7.00 5.02 15.67
C6N NAD E . 6.57 6.28 15.80
C1 SIN F . 4.52 2.03 16.56
O1 SIN F . 4.36 1.15 15.66
O2 SIN F . 4.54 3.31 16.41
C2 SIN F . 4.57 1.31 17.92
C3 SIN F . 4.56 2.19 19.10
C4 SIN F . 4.68 1.17 20.34
O3 SIN F . 3.63 0.79 20.90
O4 SIN F . 5.82 0.75 20.69
PA NAD G . -24.99 10.90 1.42
O1A NAD G . -24.59 12.30 1.79
O2A NAD G . -26.06 10.58 0.39
O5B NAD G . -25.42 10.04 2.67
C5B NAD G . -24.76 10.30 3.94
C4B NAD G . -25.78 10.25 5.06
O4B NAD G . -24.98 10.26 6.21
C3B NAD G . -26.77 11.43 5.07
O3B NAD G . -28.13 10.96 5.13
C2B NAD G . -26.32 12.19 6.29
O2B NAD G . -27.41 12.96 6.86
C1B NAD G . -25.59 11.11 7.15
N9A NAD G . -24.81 11.86 8.09
C8A NAD G . -23.86 12.82 7.83
N7A NAD G . -23.46 13.38 8.97
C5A NAD G . -24.09 12.76 10.01
C6A NAD G . -24.23 12.96 11.44
N6A NAD G . -23.49 13.86 12.07
N1A NAD G . -25.01 12.14 12.13
C2A NAD G . -25.81 11.26 11.50
N3A NAD G . -25.80 11.06 10.20
C4A NAD G . -25.00 11.79 9.41
O3 NAD G . -23.57 10.23 1.00
PN NAD G . -23.26 8.72 0.53
O1N NAD G . -22.77 8.94 -0.84
O2N NAD G . -24.35 7.71 0.75
O5D NAD G . -21.95 8.33 1.37
C5D NAD G . -21.98 7.26 2.33
C4D NAD G . -20.54 6.98 2.76
O4D NAD G . -19.85 6.61 1.54
C3D NAD G . -19.82 8.22 3.32
O3D NAD G . -18.95 7.81 4.42
C2D NAD G . -19.03 8.71 2.13
O2D NAD G . -17.79 9.42 2.46
C1D NAD G . -18.74 7.40 1.42
N1N NAD G . -18.27 7.51 0.07
C2N NAD G . -19.08 8.04 -0.90
C3N NAD G . -18.62 8.15 -2.22
C7N NAD G . -19.52 8.68 -3.31
O7N NAD G . -19.04 8.87 -4.45
N7N NAD G . -20.86 8.81 -3.11
C4N NAD G . -17.26 7.75 -2.51
C5N NAD G . -16.49 7.11 -1.47
C6N NAD G . -17.02 7.02 -0.19
C1 SIN H . -15.97 13.23 -3.50
O1 SIN H . -16.66 13.04 -4.53
O2 SIN H . -15.49 14.38 -3.18
C2 SIN H . -15.72 11.99 -2.60
C3 SIN H . -14.50 11.44 -3.16
C4 SIN H . -14.02 10.16 -2.48
O3 SIN H . -14.58 9.53 -1.48
O4 SIN H . -12.95 9.79 -3.03
C1 SIN I . 1.32 -17.37 0.16
O1 SIN I . 0.82 -17.29 -0.97
O2 SIN I . 1.40 -16.33 0.93
C2 SIN I . 1.73 -18.84 0.29
C3 SIN I . 2.41 -19.11 1.54
C4 SIN I . 2.81 -20.63 1.49
O3 SIN I . 1.99 -21.44 1.97
O4 SIN I . 3.95 -20.91 1.10
PA NAD J . -2.21 -26.44 -6.01
O1A NAD J . -0.73 -26.72 -6.17
O2A NAD J . -3.17 -27.35 -5.34
O5B NAD J . -2.77 -26.28 -7.48
C5B NAD J . -2.04 -25.57 -8.48
C4B NAD J . -2.18 -26.26 -9.84
O4B NAD J . -1.49 -25.45 -10.79
C3B NAD J . -1.62 -27.69 -9.95
O3B NAD J . -2.67 -28.57 -10.36
C2B NAD J . -0.44 -27.52 -10.87
O2B NAD J . -0.16 -28.68 -11.63
C1B NAD J . -0.77 -26.28 -11.70
N9A NAD J . 0.47 -25.81 -12.32
C8A NAD J . 1.63 -25.54 -11.75
N7A NAD J . 2.56 -25.29 -12.71
C5A NAD J . 1.95 -25.49 -13.89
C6A NAD J . 2.39 -25.40 -15.28
N6A NAD J . 3.64 -25.12 -15.54
N1A NAD J . 1.47 -25.55 -16.22
C2A NAD J . 0.20 -25.90 -15.89
N3A NAD J . -0.30 -26.02 -14.67
C4A NAD J . 0.59 -25.77 -13.65
O3 NAD J . -2.18 -24.85 -5.45
PN NAD J . -3.44 -23.97 -5.05
O1N NAD J . -3.32 -23.90 -3.56
O2N NAD J . -4.73 -24.41 -5.66
O5D NAD J . -2.94 -22.57 -5.68
C5D NAD J . -3.60 -21.90 -6.76
C4D NAD J . -3.10 -20.44 -6.85
O4D NAD J . -3.39 -19.86 -5.51
C3D NAD J . -1.58 -20.36 -7.01
O3D NAD J . -1.20 -19.30 -7.88
C2D NAD J . -1.03 -20.11 -5.61
O2D NAD J . 0.25 -19.38 -5.56
C1D NAD J . -2.19 -19.30 -5.04
N1N NAD J . -2.18 -19.15 -3.57
C2N NAD J . -2.40 -20.26 -2.76
C3N NAD J . -2.40 -20.15 -1.35
C7N NAD J . -2.65 -21.33 -0.48
O7N NAD J . -2.55 -21.18 0.74
N7N NAD J . -3.18 -22.46 -0.97
C4N NAD J . -2.19 -18.89 -0.76
C5N NAD J . -2.10 -17.75 -1.64
C6N NAD J . -2.10 -17.91 -3.04
C1 SIN K . 8.52 6.17 -18.27
O1 SIN K . 7.77 5.55 -19.10
O2 SIN K . 8.83 7.40 -18.36
C2 SIN K . 8.99 5.44 -17.00
C3 SIN K . 7.93 5.71 -16.00
C4 SIN K . 8.18 5.18 -14.59
O3 SIN K . 7.20 5.48 -13.82
O4 SIN K . 9.24 4.52 -14.24
PA NAD L . 18.88 4.95 -19.08
O1A NAD L . 18.18 4.34 -20.28
O2A NAD L . 19.40 6.34 -19.12
O5B NAD L . 19.99 4.03 -18.49
C5B NAD L . 19.77 2.66 -18.45
C4B NAD L . 21.06 1.95 -18.68
O4B NAD L . 20.80 0.59 -18.38
C3B NAD L . 21.64 2.10 -20.12
O3B NAD L . 23.06 2.49 -20.01
C2B NAD L . 21.39 0.68 -20.61
O2B NAD L . 22.37 0.38 -21.65
C1B NAD L . 21.48 -0.18 -19.32
N9A NAD L . 20.88 -1.47 -19.68
C8A NAD L . 19.68 -1.67 -20.25
N7A NAD L . 19.55 -2.99 -20.50
C5A NAD L . 20.69 -3.60 -20.20
C6A NAD L . 21.24 -4.95 -20.30
N6A NAD L . 20.52 -5.99 -20.80
N1A NAD L . 22.45 -5.17 -19.79
C2A NAD L . 23.22 -4.18 -19.32
N3A NAD L . 22.80 -2.94 -19.27
C4A NAD L . 21.55 -2.62 -19.65
O3 NAD L . 17.71 4.96 -17.90
PN NAD L . 17.67 5.70 -16.50
O1N NAD L . 16.65 6.72 -16.63
O2N NAD L . 19.07 5.89 -16.02
O5D NAD L . 17.03 4.43 -15.68
C5D NAD L . 17.67 3.78 -14.64
C4D NAD L . 16.66 2.91 -13.81
O4D NAD L . 15.73 3.87 -13.25
C3D NAD L . 15.85 1.99 -14.68
O3D NAD L . 15.68 0.76 -14.00
C2D NAD L . 14.60 2.70 -14.93
O2D NAD L . 13.55 1.77 -15.10
C1D NAD L . 14.47 3.48 -13.59
N1N NAD L . 13.59 4.57 -13.61
C2N NAD L . 13.78 5.69 -14.34
C3N NAD L . 12.87 6.74 -14.37
C7N NAD L . 13.12 7.96 -15.19
O7N NAD L . 12.23 8.79 -15.27
N7N NAD L . 14.27 8.13 -15.78
C4N NAD L . 11.70 6.67 -13.53
C5N NAD L . 11.57 5.52 -12.68
C6N NAD L . 12.52 4.52 -12.70
#